data_6K13
#
_entry.id   6K13
#
_cell.length_a   81.400
_cell.length_b   88.204
_cell.length_c   92.631
_cell.angle_alpha   90.000
_cell.angle_beta   90.000
_cell.angle_gamma   90.000
#
_symmetry.space_group_name_H-M   'P 21 2 21'
#
loop_
_entity.id
_entity.type
_entity.pdbx_description
1 polymer 'L-lactate dehydrogenase'
2 non-polymer 'OXAMIC ACID'
3 non-polymer NICOTINAMIDE-ADENINE-DINUCLEOTIDE
4 water water
#
_entity_poly.entity_id   1
_entity_poly.type   'polypeptide(L)'
_entity_poly.pdbx_seq_one_letter_code
;SMHSLKEEFLIRLTNEDLNASNKITVIGVGAVGMACAFSILNKELADELVLIDVVEDKLKGEMMDLQQGSLFLKTPNIIA
GKDYELTANSKLVVVTAGARQQEGESRLNLVQRNVNIFKFIIPNVVKYSPDCILLIVSNPVDILTYVAWKLSGFPLNRVI
GSGCNLDSARFRYLVSEMIGIHPSNFHGCILGEHGDSSVPILSGLNIAGMSIKNLHTDIDTVFIKDMCKDVHKKVTESAY
EIIKLKGYTSWAIGLSVGDLSCSLIKNLRKVHPVSTLVKGQFGIDNEVFLSVPCVLGRNGISEVFKPKLTVEEEQQLKNS
AETIWNTQKDIQL
;
_entity_poly.pdbx_strand_id   A,B
#
loop_
_chem_comp.id
_chem_comp.type
_chem_comp.name
_chem_comp.formula
NAD non-polymer NICOTINAMIDE-ADENINE-DINUCLEOTIDE 'C21 H27 N7 O14 P2'
OXM non-polymer 'OXAMIC ACID' 'C2 H3 N O3'
#
# COMPACT_ATOMS: atom_id res chain seq x y z
N MET A 2 23.28 10.61 -22.67
CA MET A 2 22.16 9.97 -23.44
C MET A 2 21.18 11.04 -23.88
N HIS A 3 20.82 11.93 -22.96
CA HIS A 3 20.00 13.08 -23.32
C HIS A 3 20.58 13.83 -24.51
N SER A 4 21.88 13.65 -24.79
CA SER A 4 22.52 14.22 -25.96
C SER A 4 22.42 13.33 -27.19
N LEU A 5 22.43 12.00 -27.01
CA LEU A 5 22.56 11.07 -28.11
C LEU A 5 21.26 10.40 -28.52
N LYS A 6 20.24 10.39 -27.65
CA LYS A 6 18.91 9.97 -28.10
C LYS A 6 18.37 10.92 -29.15
N GLU A 7 18.98 12.08 -29.31
CA GLU A 7 18.57 13.08 -30.30
C GLU A 7 18.82 12.63 -31.72
N GLU A 8 19.27 11.38 -31.96
CA GLU A 8 19.48 10.94 -33.33
C GLU A 8 19.11 9.47 -33.56
N PHE A 9 18.51 8.79 -32.58
CA PHE A 9 17.70 7.61 -32.89
C PHE A 9 16.23 7.84 -32.53
N LEU A 10 15.86 9.06 -32.17
CA LEU A 10 14.47 9.47 -32.00
C LEU A 10 14.20 10.71 -32.84
N ILE A 11 13.07 10.72 -33.53
CA ILE A 11 12.53 11.92 -34.17
C ILE A 11 11.49 12.49 -33.23
N ARG A 12 11.65 13.74 -32.82
CA ARG A 12 10.62 14.42 -32.04
C ARG A 12 9.57 14.97 -32.99
N LEU A 13 8.32 14.57 -32.79
CA LEU A 13 7.20 15.09 -33.56
C LEU A 13 6.44 16.20 -32.85
N THR A 14 6.60 16.33 -31.53
CA THR A 14 5.94 17.37 -30.75
C THR A 14 7.01 18.09 -29.94
N ASN A 15 7.63 19.12 -30.54
CA ASN A 15 8.61 19.90 -29.82
C ASN A 15 8.07 20.40 -28.49
N GLU A 16 6.76 20.47 -28.34
CA GLU A 16 6.11 21.03 -27.16
C GLU A 16 5.49 19.89 -26.33
N ASP A 17 6.28 19.34 -25.42
CA ASP A 17 5.70 18.63 -24.28
C ASP A 17 4.91 19.65 -23.44
N LEU A 18 4.00 19.14 -22.61
CA LEU A 18 3.10 20.03 -21.90
C LEU A 18 2.74 19.42 -20.55
N ASN A 19 1.65 19.91 -19.96
CA ASN A 19 1.24 19.55 -18.62
C ASN A 19 0.70 18.12 -18.58
N ALA A 20 0.46 17.64 -17.36
CA ALA A 20 -0.22 16.37 -17.14
C ALA A 20 -1.72 16.60 -17.05
N SER A 21 -2.47 15.58 -17.46
CA SER A 21 -3.93 15.66 -17.44
C SER A 21 -4.53 15.22 -16.11
N ASN A 22 -3.85 14.33 -15.39
CA ASN A 22 -4.28 13.87 -14.08
C ASN A 22 -3.11 14.02 -13.10
N LYS A 23 -2.82 15.27 -12.73
CA LYS A 23 -1.78 15.57 -11.76
C LYS A 23 -2.39 15.54 -10.36
N ILE A 24 -1.83 14.71 -9.49
CA ILE A 24 -2.31 14.58 -8.11
C ILE A 24 -1.17 14.92 -7.17
N THR A 25 -1.46 15.76 -6.17
CA THR A 25 -0.50 16.16 -5.16
C THR A 25 -0.95 15.59 -3.81
N VAL A 26 -0.01 15.02 -3.06
CA VAL A 26 -0.23 14.60 -1.69
C VAL A 26 0.67 15.47 -0.81
N ILE A 27 0.06 16.19 0.13
CA ILE A 27 0.81 17.00 1.08
C ILE A 27 0.94 16.21 2.36
N GLY A 28 2.19 16.00 2.79
CA GLY A 28 2.51 15.15 3.91
C GLY A 28 2.95 13.78 3.46
N VAL A 29 4.19 13.39 3.75
CA VAL A 29 4.69 12.08 3.33
C VAL A 29 4.89 11.21 4.57
N GLY A 30 3.99 11.37 5.54
CA GLY A 30 3.96 10.52 6.70
C GLY A 30 3.25 9.22 6.40
N ALA A 31 2.86 8.53 7.49
CA ALA A 31 2.21 7.24 7.36
C ALA A 31 0.97 7.33 6.46
N VAL A 32 0.12 8.32 6.72
CA VAL A 32 -1.12 8.45 5.95
C VAL A 32 -0.82 8.91 4.53
N GLY A 33 0.02 9.92 4.39
CA GLY A 33 0.35 10.43 3.07
C GLY A 33 0.91 9.36 2.14
N MET A 34 1.82 8.53 2.66
CA MET A 34 2.45 7.53 1.80
C MET A 34 1.48 6.39 1.49
N ALA A 35 0.64 6.01 2.46
CA ALA A 35 -0.37 4.99 2.17
C ALA A 35 -1.36 5.48 1.12
N CYS A 36 -1.75 6.76 1.19
CA CYS A 36 -2.60 7.35 0.17
C CYS A 36 -1.90 7.39 -1.19
N ALA A 37 -0.65 7.85 -1.21
CA ALA A 37 0.09 7.91 -2.47
C ALA A 37 0.25 6.52 -3.07
N PHE A 38 0.52 5.52 -2.22
CA PHE A 38 0.67 4.15 -2.69
C PHE A 38 -0.66 3.62 -3.24
N SER A 39 -1.77 3.93 -2.58
CA SER A 39 -3.05 3.48 -3.09
C SER A 39 -3.44 4.22 -4.37
N ILE A 40 -3.13 5.51 -4.44
CA ILE A 40 -3.42 6.26 -5.65
C ILE A 40 -2.61 5.70 -6.81
N LEU A 41 -1.34 5.33 -6.56
CA LEU A 41 -0.51 4.73 -7.59
C LEU A 41 -1.03 3.36 -8.03
N ASN A 42 -1.44 2.52 -7.07
CA ASN A 42 -1.96 1.21 -7.42
C ASN A 42 -3.22 1.32 -8.30
N LYS A 43 -4.03 2.36 -8.09
CA LYS A 43 -5.22 2.60 -8.90
C LYS A 43 -4.91 3.28 -10.22
N GLU A 44 -3.65 3.62 -10.48
CA GLU A 44 -3.24 4.16 -11.77
C GLU A 44 -4.00 5.44 -12.08
N LEU A 45 -4.27 6.24 -11.06
CA LEU A 45 -5.12 7.42 -11.23
C LEU A 45 -4.37 8.63 -11.77
N ALA A 46 -3.05 8.71 -11.59
CA ALA A 46 -2.30 9.90 -11.94
C ALA A 46 -1.22 9.58 -12.96
N ASP A 47 -1.01 10.49 -13.91
CA ASP A 47 0.19 10.45 -14.74
C ASP A 47 1.31 11.27 -14.14
N GLU A 48 1.00 12.12 -13.17
CA GLU A 48 2.01 12.81 -12.38
C GLU A 48 1.56 12.85 -10.93
N LEU A 49 2.43 12.37 -10.04
CA LEU A 49 2.21 12.41 -8.60
C LEU A 49 3.27 13.31 -7.97
N VAL A 50 2.83 14.28 -7.18
CA VAL A 50 3.71 15.22 -6.51
C VAL A 50 3.55 15.03 -5.01
N LEU A 51 4.68 14.94 -4.31
CA LEU A 51 4.72 14.83 -2.85
C LEU A 51 5.31 16.09 -2.25
N ILE A 52 4.60 16.70 -1.29
CA ILE A 52 5.05 17.91 -0.61
C ILE A 52 5.14 17.63 0.88
N ASP A 53 6.21 18.14 1.50
CA ASP A 53 6.38 18.06 2.94
C ASP A 53 7.40 19.14 3.32
N VAL A 54 7.79 19.16 4.59
CA VAL A 54 8.75 20.11 5.10
C VAL A 54 10.05 19.47 5.55
N VAL A 55 10.13 18.15 5.58
CA VAL A 55 11.34 17.42 5.96
C VAL A 55 12.02 16.95 4.67
N GLU A 56 13.08 17.65 4.25
CA GLU A 56 13.67 17.39 2.93
C GLU A 56 14.17 15.95 2.80
N ASP A 57 14.83 15.42 3.83
CA ASP A 57 15.49 14.11 3.67
C ASP A 57 14.48 12.98 3.60
N LYS A 58 13.44 12.99 4.46
CA LYS A 58 12.39 11.97 4.34
C LYS A 58 11.64 12.12 3.03
N LEU A 59 11.41 13.36 2.58
CA LEU A 59 10.80 13.61 1.28
C LEU A 59 11.53 12.89 0.17
N LYS A 60 12.86 13.09 0.10
CA LYS A 60 13.64 12.55 -1.01
C LYS A 60 13.72 11.03 -0.94
N GLY A 61 13.83 10.48 0.27
CA GLY A 61 13.91 9.04 0.42
C GLY A 61 12.62 8.35 0.03
N GLU A 62 11.49 8.89 0.47
CA GLU A 62 10.20 8.33 0.08
C GLU A 62 10.00 8.43 -1.42
N MET A 63 10.31 9.59 -1.99
CA MET A 63 10.21 9.80 -3.44
C MET A 63 11.01 8.75 -4.20
N MET A 64 12.28 8.56 -3.82
CA MET A 64 13.12 7.59 -4.51
C MET A 64 12.56 6.19 -4.36
N ASP A 65 12.08 5.84 -3.17
CA ASP A 65 11.56 4.50 -2.93
C ASP A 65 10.40 4.21 -3.89
N LEU A 66 9.42 5.12 -3.94
CA LEU A 66 8.32 5.00 -4.91
C LEU A 66 8.82 4.98 -6.35
N GLN A 67 9.58 6.00 -6.74
CA GLN A 67 10.11 6.11 -8.10
C GLN A 67 10.68 4.79 -8.60
N GLN A 68 11.36 4.08 -7.70
CA GLN A 68 12.11 2.91 -8.11
C GLN A 68 11.21 1.69 -8.33
N GLY A 69 9.94 1.75 -7.94
CA GLY A 69 9.00 0.72 -8.31
C GLY A 69 8.19 1.09 -9.54
N SER A 70 8.66 2.06 -10.33
CA SER A 70 7.86 2.57 -11.45
C SER A 70 7.67 1.54 -12.55
N LEU A 71 8.58 0.56 -12.66
CA LEU A 71 8.37 -0.54 -13.58
C LEU A 71 7.00 -1.17 -13.38
N PHE A 72 6.56 -1.28 -12.13
CA PHE A 72 5.34 -1.97 -11.77
C PHE A 72 4.12 -1.06 -11.72
N LEU A 73 4.25 0.20 -12.14
CA LEU A 73 3.17 1.18 -12.05
C LEU A 73 2.91 1.78 -13.42
N LYS A 74 1.95 2.69 -13.47
CA LYS A 74 1.58 3.40 -14.69
C LYS A 74 1.51 4.89 -14.42
N THR A 75 2.48 5.41 -13.66
CA THR A 75 2.56 6.83 -13.32
C THR A 75 3.96 7.29 -13.71
N PRO A 76 4.12 7.86 -14.91
CA PRO A 76 5.49 8.10 -15.42
C PRO A 76 6.27 9.20 -14.72
N ASN A 77 5.63 10.08 -13.96
CA ASN A 77 6.33 11.16 -13.25
C ASN A 77 5.93 11.13 -11.78
N ILE A 78 6.90 10.82 -10.93
CA ILE A 78 6.77 10.93 -9.47
C ILE A 78 7.83 11.92 -9.02
N ILE A 79 7.41 13.02 -8.37
CA ILE A 79 8.32 14.07 -7.95
C ILE A 79 7.95 14.54 -6.55
N ALA A 80 8.90 15.19 -5.90
CA ALA A 80 8.74 15.55 -4.50
C ALA A 80 9.59 16.78 -4.19
N GLY A 81 9.10 17.58 -3.25
CA GLY A 81 9.87 18.72 -2.81
C GLY A 81 9.11 19.53 -1.78
N LYS A 82 9.72 20.66 -1.42
CA LYS A 82 9.08 21.62 -0.53
C LYS A 82 8.41 22.75 -1.28
N ASP A 83 8.79 23.00 -2.53
CA ASP A 83 8.30 24.15 -3.28
C ASP A 83 6.95 23.83 -3.91
N TYR A 84 5.93 24.62 -3.53
CA TYR A 84 4.59 24.40 -4.05
C TYR A 84 4.50 24.63 -5.56
N GLU A 85 5.53 25.21 -6.18
CA GLU A 85 5.51 25.34 -7.63
C GLU A 85 5.40 23.98 -8.30
N LEU A 86 5.89 22.93 -7.64
CA LEU A 86 5.80 21.59 -8.19
C LEU A 86 4.35 21.13 -8.35
N THR A 87 3.43 21.70 -7.57
CA THR A 87 2.04 21.26 -7.54
C THR A 87 1.17 21.95 -8.57
N ALA A 88 1.72 22.88 -9.34
CA ALA A 88 0.93 23.73 -10.21
C ALA A 88 -0.03 22.92 -11.06
N ASN A 89 -1.27 23.39 -11.13
CA ASN A 89 -2.28 22.83 -12.03
C ASN A 89 -2.61 21.40 -11.67
N SER A 90 -2.58 21.09 -10.38
CA SER A 90 -3.02 19.80 -9.90
C SER A 90 -4.52 19.68 -10.09
N LYS A 91 -4.97 18.49 -10.49
CA LYS A 91 -6.39 18.23 -10.53
C LYS A 91 -6.95 18.01 -9.13
N LEU A 92 -6.16 17.35 -8.27
CA LEU A 92 -6.59 16.88 -6.97
C LEU A 92 -5.45 17.05 -5.99
N VAL A 93 -5.74 17.61 -4.83
CA VAL A 93 -4.73 17.82 -3.79
C VAL A 93 -5.24 17.17 -2.52
N VAL A 94 -4.49 16.20 -2.04
CA VAL A 94 -4.82 15.43 -0.84
C VAL A 94 -3.95 15.95 0.29
N VAL A 95 -4.56 16.52 1.32
CA VAL A 95 -3.84 17.11 2.44
C VAL A 95 -3.88 16.13 3.60
N THR A 96 -2.72 15.55 3.94
CA THR A 96 -2.61 14.65 5.08
C THR A 96 -1.69 15.18 6.16
N ALA A 97 -1.21 16.41 6.04
CA ALA A 97 -0.21 16.90 6.97
C ALA A 97 -0.83 17.23 8.32
N GLY A 98 -0.04 17.04 9.37
CA GLY A 98 -0.40 17.58 10.66
C GLY A 98 -0.14 16.66 11.82
N ALA A 99 -0.48 17.12 13.01
CA ALA A 99 -0.35 16.31 14.21
C ALA A 99 -1.39 15.19 14.19
N ARG A 100 -0.99 14.05 14.73
CA ARG A 100 -1.87 12.91 14.87
C ARG A 100 -2.04 12.56 16.34
N GLN A 101 -3.03 11.71 16.61
CA GLN A 101 -3.40 11.38 17.98
C GLN A 101 -2.31 10.57 18.67
N GLN A 102 -2.02 10.96 19.91
CA GLN A 102 -1.36 10.05 20.83
C GLN A 102 -2.39 9.09 21.40
N GLU A 103 -1.91 8.10 22.15
CA GLU A 103 -2.81 7.15 22.79
C GLU A 103 -3.84 7.89 23.63
N GLY A 104 -5.11 7.57 23.42
CA GLY A 104 -6.21 8.15 24.17
C GLY A 104 -6.62 9.56 23.75
N GLU A 105 -5.93 10.17 22.80
CA GLU A 105 -6.15 11.58 22.47
C GLU A 105 -7.29 11.73 21.46
N SER A 106 -8.19 12.68 21.72
CA SER A 106 -9.27 12.98 20.80
C SER A 106 -8.73 13.68 19.56
N ARG A 107 -9.37 13.41 18.41
CA ARG A 107 -9.01 14.14 17.18
C ARG A 107 -9.23 15.63 17.35
N LEU A 108 -10.20 16.03 18.16
CA LEU A 108 -10.50 17.43 18.36
C LEU A 108 -9.37 18.16 19.08
N ASN A 109 -8.50 17.43 19.78
CA ASN A 109 -7.36 18.03 20.46
C ASN A 109 -6.20 18.33 19.52
N LEU A 110 -6.34 18.05 18.23
CA LEU A 110 -5.35 18.38 17.23
C LEU A 110 -5.65 19.68 16.50
N VAL A 111 -6.73 20.37 16.87
CA VAL A 111 -7.29 21.37 15.99
C VAL A 111 -6.41 22.61 15.90
N GLN A 112 -5.89 23.09 17.04
CA GLN A 112 -5.10 24.32 16.99
C GLN A 112 -3.80 24.10 16.24
N ARG A 113 -3.11 23.00 16.53
CA ARG A 113 -1.86 22.70 15.82
C ARG A 113 -2.09 22.62 14.32
N ASN A 114 -3.18 21.99 13.89
CA ASN A 114 -3.34 21.73 12.47
C ASN A 114 -4.00 22.88 11.72
N VAL A 115 -4.81 23.69 12.40
CA VAL A 115 -5.23 24.95 11.79
C VAL A 115 -4.01 25.79 11.44
N ASN A 116 -3.06 25.90 12.38
CA ASN A 116 -1.85 26.66 12.10
C ASN A 116 -1.11 26.12 10.89
N ILE A 117 -1.02 24.79 10.78
CA ILE A 117 -0.41 24.18 9.61
C ILE A 117 -1.21 24.51 8.36
N PHE A 118 -2.53 24.49 8.45
CA PHE A 118 -3.34 24.76 7.27
C PHE A 118 -3.21 26.21 6.82
N LYS A 119 -3.04 27.13 7.77
CA LYS A 119 -2.90 28.54 7.43
C LYS A 119 -1.74 28.76 6.47
N PHE A 120 -0.76 27.87 6.50
CA PHE A 120 0.37 27.94 5.57
C PHE A 120 0.13 27.09 4.33
N ILE A 121 -0.40 25.88 4.50
CA ILE A 121 -0.53 24.96 3.36
C ILE A 121 -1.53 25.51 2.34
N ILE A 122 -2.73 25.86 2.79
CA ILE A 122 -3.86 26.06 1.87
C ILE A 122 -3.63 27.27 0.96
N PRO A 123 -3.19 28.42 1.47
CA PRO A 123 -2.90 29.53 0.55
C PRO A 123 -1.89 29.15 -0.53
N ASN A 124 -0.87 28.37 -0.17
CA ASN A 124 0.13 27.97 -1.16
C ASN A 124 -0.47 27.02 -2.18
N VAL A 125 -1.36 26.11 -1.76
CA VAL A 125 -2.04 25.23 -2.71
C VAL A 125 -2.85 26.06 -3.70
N VAL A 126 -3.70 26.96 -3.20
CA VAL A 126 -4.57 27.75 -4.06
C VAL A 126 -3.74 28.58 -5.03
N LYS A 127 -2.57 29.04 -4.60
CA LYS A 127 -1.77 29.92 -5.44
C LYS A 127 -1.38 29.23 -6.75
N TYR A 128 -0.99 27.96 -6.68
CA TYR A 128 -0.51 27.25 -7.86
C TYR A 128 -1.56 26.36 -8.51
N SER A 129 -2.67 26.07 -7.83
CA SER A 129 -3.73 25.23 -8.40
C SER A 129 -5.08 25.83 -8.04
N PRO A 130 -5.43 26.98 -8.62
CA PRO A 130 -6.71 27.63 -8.28
C PRO A 130 -7.94 26.81 -8.63
N ASP A 131 -7.82 25.80 -9.49
CA ASP A 131 -8.98 25.05 -9.98
C ASP A 131 -9.02 23.61 -9.46
N CYS A 132 -8.16 23.26 -8.51
CA CYS A 132 -8.08 21.88 -8.02
C CYS A 132 -9.24 21.54 -7.09
N ILE A 133 -9.42 20.24 -6.89
CA ILE A 133 -10.25 19.70 -5.82
C ILE A 133 -9.36 19.49 -4.60
N LEU A 134 -9.78 20.01 -3.45
CA LEU A 134 -9.11 19.76 -2.18
C LEU A 134 -9.78 18.61 -1.47
N LEU A 135 -8.99 17.59 -1.11
CA LEU A 135 -9.49 16.46 -0.33
C LEU A 135 -8.73 16.45 0.98
N ILE A 136 -9.43 16.77 2.07
CA ILE A 136 -8.83 16.93 3.39
C ILE A 136 -8.90 15.61 4.15
N VAL A 137 -7.77 15.20 4.72
CA VAL A 137 -7.68 13.96 5.49
C VAL A 137 -7.25 14.28 6.91
N SER A 138 -6.42 15.32 7.07
CA SER A 138 -5.92 15.71 8.38
C SER A 138 -7.04 15.86 9.40
N ASN A 139 -6.74 15.47 10.69
CA ASN A 139 -7.76 15.58 11.72
C ASN A 139 -7.61 16.89 12.51
N PRO A 140 -8.71 17.40 13.09
CA PRO A 140 -10.05 16.82 12.98
C PRO A 140 -10.68 17.19 11.63
N VAL A 141 -11.03 16.18 10.84
CA VAL A 141 -11.22 16.37 9.41
C VAL A 141 -12.40 17.29 9.12
N ASP A 142 -13.46 17.21 9.92
CA ASP A 142 -14.63 18.05 9.69
C ASP A 142 -14.31 19.54 9.86
N ILE A 143 -13.55 19.87 10.91
CA ILE A 143 -13.21 21.27 11.15
C ILE A 143 -12.18 21.76 10.15
N LEU A 144 -11.21 20.92 9.80
CA LEU A 144 -10.19 21.35 8.86
C LEU A 144 -10.72 21.44 7.43
N THR A 145 -11.81 20.76 7.09
CA THR A 145 -12.43 20.98 5.79
C THR A 145 -13.07 22.36 5.76
N TYR A 146 -13.83 22.69 6.80
CA TYR A 146 -14.35 24.04 6.96
C TYR A 146 -13.22 25.07 6.86
N VAL A 147 -12.11 24.83 7.57
CA VAL A 147 -11.00 25.76 7.57
C VAL A 147 -10.43 25.91 6.16
N ALA A 148 -10.19 24.78 5.50
CA ALA A 148 -9.71 24.82 4.12
C ALA A 148 -10.66 25.59 3.22
N TRP A 149 -11.97 25.42 3.43
CA TRP A 149 -12.95 26.13 2.62
C TRP A 149 -12.78 27.64 2.80
N LYS A 150 -12.70 28.09 4.05
CA LYS A 150 -12.55 29.52 4.32
C LYS A 150 -11.24 30.06 3.77
N LEU A 151 -10.12 29.37 4.04
CA LEU A 151 -8.83 29.87 3.59
C LEU A 151 -8.70 29.88 2.08
N SER A 152 -9.35 28.96 1.39
CA SER A 152 -9.12 28.80 -0.04
C SER A 152 -9.96 29.73 -0.90
N GLY A 153 -11.13 30.13 -0.42
CA GLY A 153 -12.07 30.82 -1.28
C GLY A 153 -12.75 29.92 -2.30
N PHE A 154 -12.54 28.61 -2.21
CA PHE A 154 -13.07 27.69 -3.20
C PHE A 154 -14.60 27.55 -3.05
N PRO A 155 -15.29 27.21 -4.14
CA PRO A 155 -16.70 26.80 -4.02
C PRO A 155 -16.79 25.46 -3.31
N LEU A 156 -17.96 25.22 -2.70
CA LEU A 156 -18.16 24.03 -1.87
C LEU A 156 -17.89 22.73 -2.62
N ASN A 157 -18.08 22.71 -3.95
CA ASN A 157 -17.91 21.45 -4.65
C ASN A 157 -16.46 20.97 -4.67
N ARG A 158 -15.49 21.87 -4.47
CA ARG A 158 -14.08 21.53 -4.59
C ARG A 158 -13.35 21.51 -3.25
N VAL A 159 -14.07 21.43 -2.14
CA VAL A 159 -13.47 21.28 -0.81
C VAL A 159 -14.17 20.12 -0.13
N ILE A 160 -13.46 19.00 -0.01
CA ILE A 160 -14.04 17.74 0.44
C ILE A 160 -13.22 17.20 1.59
N GLY A 161 -13.89 16.72 2.63
CA GLY A 161 -13.22 16.00 3.71
C GLY A 161 -13.46 14.48 3.58
N SER A 162 -12.41 13.70 3.85
CA SER A 162 -12.56 12.25 3.69
C SER A 162 -13.62 11.71 4.62
N GLY A 163 -13.83 12.38 5.76
CA GLY A 163 -15.03 12.18 6.55
C GLY A 163 -15.25 10.74 6.98
N CYS A 164 -16.46 10.27 6.75
CA CYS A 164 -16.94 8.99 7.26
C CYS A 164 -16.91 7.89 6.21
N ASN A 165 -16.23 8.12 5.10
CA ASN A 165 -16.04 7.04 4.14
C ASN A 165 -15.36 5.85 4.81
N LEU A 166 -14.35 6.13 5.62
CA LEU A 166 -13.64 5.06 6.35
C LEU A 166 -14.47 4.51 7.50
N ASP A 167 -15.13 5.37 8.28
CA ASP A 167 -16.01 4.87 9.33
C ASP A 167 -17.08 3.94 8.76
N SER A 168 -17.63 4.28 7.59
CA SER A 168 -18.65 3.44 6.98
C SER A 168 -18.07 2.12 6.50
N ALA A 169 -16.86 2.15 5.95
CA ALA A 169 -16.21 0.92 5.55
C ALA A 169 -15.96 0.01 6.76
N ARG A 170 -15.52 0.60 7.87
CA ARG A 170 -15.32 -0.16 9.11
C ARG A 170 -16.63 -0.78 9.56
N PHE A 171 -17.71 -0.01 9.54
CA PHE A 171 -19.01 -0.48 10.00
C PHE A 171 -19.48 -1.65 9.14
N ARG A 172 -19.37 -1.51 7.82
CA ARG A 172 -19.78 -2.57 6.90
C ARG A 172 -18.90 -3.80 7.04
N TYR A 173 -17.61 -3.64 7.35
CA TYR A 173 -16.77 -4.79 7.63
C TYR A 173 -17.24 -5.53 8.87
N LEU A 174 -17.51 -4.80 9.95
CA LEU A 174 -17.86 -5.45 11.21
C LEU A 174 -19.18 -6.21 11.09
N VAL A 175 -20.18 -5.64 10.42
CA VAL A 175 -21.45 -6.32 10.30
C VAL A 175 -21.34 -7.50 9.36
N SER A 176 -20.72 -7.30 8.19
CA SER A 176 -20.65 -8.39 7.22
C SER A 176 -19.83 -9.54 7.78
N GLU A 177 -18.87 -9.23 8.67
CA GLU A 177 -18.10 -10.26 9.37
C GLU A 177 -18.99 -11.19 10.18
N MET A 178 -20.01 -10.65 10.85
CA MET A 178 -20.90 -11.48 11.64
C MET A 178 -21.77 -12.37 10.76
N ILE A 179 -22.13 -11.88 9.58
CA ILE A 179 -22.99 -12.63 8.68
C ILE A 179 -22.18 -13.67 7.90
N GLY A 180 -20.95 -13.33 7.54
CA GLY A 180 -20.14 -14.19 6.70
C GLY A 180 -20.25 -13.90 5.22
N ILE A 181 -20.40 -12.62 4.85
CA ILE A 181 -20.45 -12.20 3.45
C ILE A 181 -19.45 -11.08 3.25
N HIS A 182 -19.17 -10.80 1.99
CA HIS A 182 -18.25 -9.71 1.64
C HIS A 182 -18.84 -8.37 2.06
N PRO A 183 -18.04 -7.45 2.58
CA PRO A 183 -18.61 -6.14 3.00
C PRO A 183 -19.26 -5.35 1.87
N SER A 184 -18.92 -5.62 0.62
CA SER A 184 -19.53 -4.88 -0.47
C SER A 184 -21.03 -5.17 -0.61
N ASN A 185 -21.53 -6.27 -0.04
CA ASN A 185 -22.94 -6.61 -0.15
C ASN A 185 -23.72 -6.26 1.12
N PHE A 186 -23.07 -5.73 2.14
CA PHE A 186 -23.78 -5.14 3.26
C PHE A 186 -23.75 -3.63 3.10
N HIS A 187 -24.91 -3.00 3.18
CA HIS A 187 -25.02 -1.57 2.96
C HIS A 187 -25.47 -0.91 4.25
N GLY A 188 -24.61 -0.06 4.77
CA GLY A 188 -24.95 0.79 5.90
C GLY A 188 -23.97 1.93 5.92
N CYS A 189 -24.43 3.09 6.34
CA CYS A 189 -23.56 4.24 6.34
C CYS A 189 -23.50 4.88 7.72
N ILE A 190 -22.34 5.47 7.98
CA ILE A 190 -22.08 6.28 9.16
C ILE A 190 -21.98 7.71 8.66
N LEU A 191 -22.72 8.61 9.31
CA LEU A 191 -22.70 10.03 9.00
C LEU A 191 -22.33 10.83 10.24
N GLY A 192 -22.17 12.14 10.05
CA GLY A 192 -21.81 13.04 11.13
C GLY A 192 -20.32 13.23 11.28
N GLU A 193 -19.87 13.44 12.51
CA GLU A 193 -18.45 13.65 12.79
C GLU A 193 -17.66 12.40 12.46
N HIS A 194 -16.50 12.58 11.83
CA HIS A 194 -15.48 11.53 11.81
C HIS A 194 -14.87 11.52 13.21
N GLY A 195 -15.62 10.96 14.15
CA GLY A 195 -15.18 10.85 15.51
C GLY A 195 -16.20 10.22 16.43
N ASP A 196 -16.13 10.57 17.72
CA ASP A 196 -16.92 9.88 18.73
C ASP A 196 -18.42 10.12 18.57
N SER A 197 -18.83 11.20 17.90
CA SER A 197 -20.23 11.56 17.79
C SER A 197 -20.85 11.14 16.46
N SER A 198 -20.20 10.25 15.72
CA SER A 198 -20.74 9.83 14.44
C SER A 198 -22.06 9.08 14.64
N VAL A 199 -22.79 8.92 13.54
CA VAL A 199 -24.20 8.53 13.58
C VAL A 199 -24.46 7.35 12.66
N PRO A 200 -24.77 6.16 13.17
CA PRO A 200 -25.20 5.07 12.29
C PRO A 200 -26.63 5.29 11.79
N ILE A 201 -26.83 5.03 10.51
CA ILE A 201 -28.15 5.21 9.88
C ILE A 201 -28.85 3.87 9.94
N LEU A 202 -29.51 3.62 11.08
CA LEU A 202 -30.18 2.36 11.34
C LEU A 202 -31.28 2.08 10.32
N SER A 203 -31.92 3.12 9.79
CA SER A 203 -33.06 2.94 8.90
C SER A 203 -32.66 2.42 7.53
N GLY A 204 -31.37 2.47 7.17
CA GLY A 204 -30.92 2.09 5.85
C GLY A 204 -30.10 0.83 5.74
N LEU A 205 -30.01 0.01 6.79
CA LEU A 205 -29.23 -1.21 6.73
C LEU A 205 -29.87 -2.20 5.77
N ASN A 206 -29.04 -2.83 4.94
CA ASN A 206 -29.50 -3.54 3.76
C ASN A 206 -28.44 -4.56 3.35
N ILE A 207 -28.88 -5.74 2.92
CA ILE A 207 -28.01 -6.75 2.33
C ILE A 207 -28.48 -7.03 0.91
N ALA A 208 -27.63 -6.68 -0.07
CA ALA A 208 -27.81 -7.03 -1.47
C ALA A 208 -29.26 -6.85 -1.95
N GLY A 209 -29.83 -5.70 -1.63
CA GLY A 209 -31.18 -5.39 -2.09
C GLY A 209 -32.29 -5.90 -1.20
N MET A 210 -31.97 -6.36 0.01
CA MET A 210 -32.98 -6.71 1.00
C MET A 210 -32.81 -5.86 2.24
N SER A 211 -33.88 -5.17 2.65
CA SER A 211 -33.87 -4.49 3.93
C SER A 211 -33.54 -5.47 5.04
N ILE A 212 -32.72 -5.04 6.00
CA ILE A 212 -32.31 -5.95 7.07
C ILE A 212 -33.52 -6.52 7.78
N LYS A 213 -34.57 -5.71 7.96
CA LYS A 213 -35.76 -6.20 8.64
C LYS A 213 -36.40 -7.38 7.93
N ASN A 214 -36.15 -7.55 6.62
CA ASN A 214 -36.77 -8.61 5.83
C ASN A 214 -35.98 -9.92 5.85
N LEU A 215 -34.88 -9.99 6.59
CA LEU A 215 -34.10 -11.22 6.63
C LEU A 215 -34.69 -12.27 7.57
N HIS A 216 -35.37 -11.82 8.61
CA HIS A 216 -35.78 -12.71 9.68
C HIS A 216 -36.83 -11.98 10.51
N THR A 217 -37.86 -12.71 10.93
CA THR A 217 -38.96 -12.07 11.66
C THR A 217 -38.45 -11.39 12.93
N ASP A 218 -37.42 -11.95 13.58
CA ASP A 218 -36.88 -11.43 14.82
C ASP A 218 -35.98 -10.20 14.64
N ILE A 219 -35.67 -9.81 13.41
CA ILE A 219 -34.89 -8.60 13.17
C ILE A 219 -35.89 -7.46 13.11
N ASP A 220 -36.14 -6.85 14.27
CA ASP A 220 -37.05 -5.74 14.42
C ASP A 220 -36.26 -4.49 14.82
N THR A 221 -36.99 -3.41 15.10
CA THR A 221 -36.34 -2.14 15.41
C THR A 221 -35.45 -2.26 16.64
N VAL A 222 -35.89 -2.99 17.66
CA VAL A 222 -35.08 -3.12 18.88
C VAL A 222 -33.83 -3.96 18.61
N PHE A 223 -33.97 -5.07 17.88
CA PHE A 223 -32.80 -5.85 17.50
C PHE A 223 -31.76 -4.98 16.81
N ILE A 224 -32.21 -4.12 15.89
CA ILE A 224 -31.29 -3.31 15.11
C ILE A 224 -30.62 -2.26 16.00
N LYS A 225 -31.38 -1.67 16.92
CA LYS A 225 -30.80 -0.68 17.82
C LYS A 225 -29.75 -1.31 18.72
N ASP A 226 -30.01 -2.53 19.21
CA ASP A 226 -29.05 -3.21 20.07
C ASP A 226 -27.81 -3.61 19.27
N MET A 227 -28.00 -4.22 18.11
CA MET A 227 -26.85 -4.59 17.28
C MET A 227 -25.95 -3.39 17.06
N CYS A 228 -26.53 -2.29 16.56
CA CYS A 228 -25.72 -1.14 16.19
C CYS A 228 -25.11 -0.45 17.41
N LYS A 229 -25.81 -0.46 18.54
CA LYS A 229 -25.19 0.02 19.77
C LYS A 229 -23.84 -0.63 19.98
N ASP A 230 -23.77 -1.95 19.79
CA ASP A 230 -22.51 -2.66 20.02
C ASP A 230 -21.54 -2.44 18.86
N VAL A 231 -22.01 -2.55 17.62
CA VAL A 231 -21.12 -2.39 16.47
C VAL A 231 -20.58 -0.97 16.40
N HIS A 232 -21.44 0.02 16.64
CA HIS A 232 -21.01 1.41 16.50
C HIS A 232 -19.97 1.76 17.55
N LYS A 233 -20.11 1.23 18.76
CA LYS A 233 -19.08 1.38 19.78
C LYS A 233 -17.73 0.88 19.27
N LYS A 234 -17.72 -0.27 18.61
CA LYS A 234 -16.47 -0.79 18.03
C LYS A 234 -15.96 0.13 16.92
N VAL A 235 -16.87 0.74 16.15
CA VAL A 235 -16.45 1.65 15.09
C VAL A 235 -15.77 2.87 15.69
N THR A 236 -16.42 3.54 16.65
CA THR A 236 -15.83 4.73 17.26
C THR A 236 -14.54 4.40 17.99
N GLU A 237 -14.43 3.20 18.57
CA GLU A 237 -13.23 2.81 19.29
C GLU A 237 -12.10 2.34 18.37
N SER A 238 -12.40 1.98 17.13
CA SER A 238 -11.43 1.24 16.32
C SER A 238 -10.10 1.97 16.24
N ALA A 239 -10.13 3.28 15.96
CA ALA A 239 -8.89 4.03 15.77
C ALA A 239 -8.07 4.07 17.05
N TYR A 240 -8.75 4.23 18.19
CA TYR A 240 -8.03 4.27 19.46
C TYR A 240 -7.30 2.96 19.73
N GLU A 241 -7.96 1.82 19.50
CA GLU A 241 -7.30 0.56 19.77
C GLU A 241 -6.09 0.36 18.87
N ILE A 242 -6.22 0.70 17.58
CA ILE A 242 -5.09 0.55 16.67
C ILE A 242 -3.96 1.49 17.05
N ILE A 243 -4.27 2.69 17.56
CA ILE A 243 -3.22 3.61 17.95
C ILE A 243 -2.48 3.07 19.17
N LYS A 244 -3.22 2.48 20.12
CA LYS A 244 -2.60 1.88 21.29
C LYS A 244 -1.69 0.71 20.89
N LEU A 245 -2.10 -0.08 19.91
CA LEU A 245 -1.36 -1.28 19.53
C LEU A 245 -0.22 -0.98 18.57
N LYS A 246 -0.47 -0.11 17.59
CA LYS A 246 0.41 0.11 16.46
C LYS A 246 1.09 1.48 16.48
N GLY A 247 0.49 2.47 17.15
CA GLY A 247 0.97 3.82 17.17
C GLY A 247 0.19 4.79 16.30
N TYR A 248 -0.54 4.29 15.30
CA TYR A 248 -1.15 5.10 14.25
C TYR A 248 -1.96 4.17 13.36
N THR A 249 -2.76 4.75 12.48
CA THR A 249 -3.44 4.02 11.42
C THR A 249 -3.00 4.58 10.06
N SER A 250 -2.96 3.72 9.06
CA SER A 250 -2.46 4.11 7.74
C SER A 250 -3.13 3.37 6.58
N TRP A 251 -3.29 2.05 6.68
CA TRP A 251 -3.64 1.27 5.49
C TRP A 251 -5.10 1.46 5.09
N ALA A 252 -6.01 1.45 6.06
CA ALA A 252 -7.42 1.55 5.74
C ALA A 252 -7.78 2.95 5.21
N ILE A 253 -7.16 4.00 5.77
CA ILE A 253 -7.43 5.34 5.27
C ILE A 253 -6.77 5.53 3.90
N GLY A 254 -5.62 4.90 3.67
CA GLY A 254 -5.04 4.93 2.35
C GLY A 254 -5.98 4.35 1.31
N LEU A 255 -6.57 3.20 1.61
CA LEU A 255 -7.55 2.59 0.71
C LEU A 255 -8.79 3.45 0.55
N SER A 256 -9.25 4.07 1.64
CA SER A 256 -10.44 4.93 1.57
C SER A 256 -10.18 6.13 0.67
N VAL A 257 -9.00 6.72 0.78
CA VAL A 257 -8.67 7.89 -0.03
C VAL A 257 -8.48 7.51 -1.49
N GLY A 258 -7.93 6.32 -1.73
CA GLY A 258 -7.89 5.81 -3.10
C GLY A 258 -9.28 5.60 -3.67
N ASP A 259 -10.21 5.14 -2.85
CA ASP A 259 -11.61 4.97 -3.25
C ASP A 259 -12.22 6.31 -3.64
N LEU A 260 -12.04 7.33 -2.80
CA LEU A 260 -12.60 8.64 -3.10
C LEU A 260 -11.93 9.24 -4.32
N SER A 261 -10.61 9.15 -4.39
CA SER A 261 -9.88 9.69 -5.54
C SER A 261 -10.35 9.02 -6.84
N CYS A 262 -10.63 7.71 -6.78
CA CYS A 262 -11.09 7.01 -7.98
C CYS A 262 -12.39 7.61 -8.51
N SER A 263 -13.37 7.83 -7.64
CA SER A 263 -14.62 8.43 -8.08
C SER A 263 -14.39 9.84 -8.61
N LEU A 264 -13.53 10.61 -7.95
CA LEU A 264 -13.27 11.98 -8.37
C LEU A 264 -12.56 12.02 -9.72
N ILE A 265 -11.44 11.30 -9.84
CA ILE A 265 -10.64 11.35 -11.06
C ILE A 265 -11.39 10.75 -12.24
N LYS A 266 -12.08 9.63 -12.01
CA LYS A 266 -12.75 8.92 -13.10
C LYS A 266 -14.17 9.40 -13.34
N ASN A 267 -14.65 10.38 -12.58
CA ASN A 267 -15.93 11.02 -12.88
C ASN A 267 -17.09 10.03 -12.73
N LEU A 268 -17.04 9.18 -11.71
CA LEU A 268 -17.94 8.05 -11.64
C LEU A 268 -19.32 8.39 -11.10
N ARG A 269 -19.49 9.55 -10.47
CA ARG A 269 -20.75 9.92 -9.82
C ARG A 269 -21.20 8.84 -8.83
N LYS A 270 -20.24 8.32 -8.07
CA LYS A 270 -20.54 7.41 -6.97
C LYS A 270 -20.84 8.22 -5.71
N VAL A 271 -21.55 7.59 -4.78
CA VAL A 271 -22.04 8.23 -3.58
C VAL A 271 -21.12 7.83 -2.43
N HIS A 272 -20.60 8.82 -1.72
CA HIS A 272 -19.72 8.62 -0.58
C HIS A 272 -20.16 9.51 0.59
N PRO A 273 -20.08 9.01 1.85
CA PRO A 273 -20.32 9.90 2.99
C PRO A 273 -19.09 10.71 3.33
N VAL A 274 -19.01 11.93 2.80
CA VAL A 274 -17.84 12.80 2.95
C VAL A 274 -18.28 14.11 3.58
N SER A 275 -17.29 14.84 4.10
CA SER A 275 -17.55 16.06 4.87
C SER A 275 -17.84 17.22 3.94
N THR A 276 -18.97 17.86 4.14
CA THR A 276 -19.34 19.07 3.42
C THR A 276 -20.24 19.90 4.33
N LEU A 277 -20.52 21.12 3.89
CA LEU A 277 -21.37 22.01 4.68
C LEU A 277 -22.78 21.48 4.77
N VAL A 278 -23.32 21.43 5.99
CA VAL A 278 -24.67 20.92 6.22
C VAL A 278 -25.54 21.94 6.95
N LYS A 279 -25.11 23.19 7.02
CA LYS A 279 -26.05 24.24 7.42
C LYS A 279 -27.29 24.16 6.55
N GLY A 280 -28.45 24.18 7.18
CA GLY A 280 -29.70 24.01 6.48
C GLY A 280 -30.29 22.61 6.56
N GLN A 281 -29.55 21.63 7.05
CA GLN A 281 -30.06 20.28 7.25
C GLN A 281 -30.10 19.94 8.73
N PHE A 282 -31.07 19.10 9.10
CA PHE A 282 -31.14 18.50 10.43
C PHE A 282 -31.28 19.54 11.53
N GLY A 283 -31.76 20.73 11.21
CA GLY A 283 -31.87 21.79 12.21
C GLY A 283 -30.57 22.51 12.49
N ILE A 284 -29.55 22.30 11.68
CA ILE A 284 -28.24 22.90 11.90
C ILE A 284 -28.22 24.28 11.25
N ASP A 285 -27.82 25.30 12.03
CA ASP A 285 -27.83 26.68 11.55
C ASP A 285 -26.47 27.37 11.61
N ASN A 286 -25.45 26.73 12.16
CA ASN A 286 -24.08 27.21 12.02
C ASN A 286 -23.42 26.57 10.80
N GLU A 287 -22.32 27.17 10.35
CA GLU A 287 -21.59 26.66 9.19
C GLU A 287 -20.71 25.49 9.62
N VAL A 288 -21.37 24.37 9.87
CA VAL A 288 -20.71 23.14 10.27
C VAL A 288 -20.60 22.23 9.05
N PHE A 289 -19.43 21.60 8.90
CA PHE A 289 -19.22 20.52 7.95
C PHE A 289 -19.32 19.21 8.71
N LEU A 290 -20.05 18.25 8.15
CA LEU A 290 -19.93 16.87 8.60
C LEU A 290 -20.32 15.97 7.44
N SER A 291 -20.21 14.67 7.66
CA SER A 291 -20.37 13.71 6.57
C SER A 291 -21.84 13.51 6.24
N VAL A 292 -22.20 13.77 5.00
CA VAL A 292 -23.47 13.34 4.42
C VAL A 292 -23.17 12.67 3.09
N PRO A 293 -24.10 11.90 2.55
CA PRO A 293 -23.85 11.25 1.25
C PRO A 293 -23.76 12.28 0.13
N CYS A 294 -22.71 12.18 -0.67
CA CYS A 294 -22.41 13.12 -1.73
C CYS A 294 -22.08 12.36 -3.00
N VAL A 295 -22.49 12.93 -4.13
CA VAL A 295 -22.13 12.43 -5.44
C VAL A 295 -20.80 13.06 -5.84
N LEU A 296 -19.82 12.22 -6.20
CA LEU A 296 -18.46 12.66 -6.50
C LEU A 296 -18.10 12.39 -7.96
N GLY A 297 -17.47 13.38 -8.58
CA GLY A 297 -17.00 13.27 -9.93
C GLY A 297 -15.90 14.29 -10.19
N ARG A 298 -15.65 14.58 -11.46
CA ARG A 298 -14.49 15.41 -11.77
C ARG A 298 -14.67 16.88 -11.40
N ASN A 299 -15.88 17.28 -10.97
CA ASN A 299 -16.10 18.62 -10.45
C ASN A 299 -16.12 18.64 -8.92
N GLY A 300 -15.63 17.58 -8.28
CA GLY A 300 -15.76 17.45 -6.85
C GLY A 300 -17.13 16.94 -6.47
N ILE A 301 -17.75 17.54 -5.45
CA ILE A 301 -19.10 17.17 -5.05
C ILE A 301 -20.06 17.82 -6.03
N SER A 302 -20.69 17.01 -6.89
CA SER A 302 -21.69 17.55 -7.80
C SER A 302 -23.05 17.72 -7.13
N GLU A 303 -23.42 16.83 -6.21
CA GLU A 303 -24.68 16.91 -5.50
C GLU A 303 -24.52 16.43 -4.06
N VAL A 304 -25.32 16.99 -3.17
CA VAL A 304 -25.42 16.55 -1.77
C VAL A 304 -26.82 15.99 -1.57
N PHE A 305 -26.90 14.82 -0.95
CA PHE A 305 -28.20 14.29 -0.56
C PHE A 305 -28.75 15.10 0.60
N LYS A 306 -30.05 15.39 0.55
CA LYS A 306 -30.79 15.98 1.67
C LYS A 306 -31.87 15.00 2.07
N PRO A 307 -31.54 13.97 2.85
CA PRO A 307 -32.48 12.89 3.11
C PRO A 307 -33.45 13.25 4.24
N LYS A 308 -34.53 12.47 4.29
CA LYS A 308 -35.51 12.54 5.38
C LYS A 308 -35.28 11.30 6.25
N LEU A 309 -34.33 11.43 7.17
CA LEU A 309 -33.99 10.35 8.08
C LEU A 309 -34.96 10.34 9.26
N THR A 310 -34.78 9.38 10.17
CA THR A 310 -35.68 9.29 11.30
C THR A 310 -35.42 10.42 12.28
N VAL A 311 -36.40 10.65 13.16
CA VAL A 311 -36.29 11.69 14.18
C VAL A 311 -35.00 11.51 14.96
N GLU A 312 -34.75 10.30 15.44
CA GLU A 312 -33.57 10.04 16.25
C GLU A 312 -32.29 10.31 15.47
N GLU A 313 -32.26 9.88 14.21
CA GLU A 313 -31.05 10.07 13.41
C GLU A 313 -30.77 11.55 13.18
N GLU A 314 -31.80 12.33 12.85
CA GLU A 314 -31.61 13.77 12.68
C GLU A 314 -31.11 14.41 13.97
N GLN A 315 -31.67 13.99 15.11
CA GLN A 315 -31.27 14.58 16.38
C GLN A 315 -29.84 14.20 16.74
N GLN A 316 -29.45 12.96 16.50
CA GLN A 316 -28.05 12.57 16.71
C GLN A 316 -27.13 13.36 15.79
N LEU A 317 -27.57 13.66 14.56
CA LEU A 317 -26.75 14.46 13.66
C LEU A 317 -26.67 15.91 14.13
N LYS A 318 -27.79 16.46 14.61
CA LYS A 318 -27.75 17.80 15.17
C LYS A 318 -26.81 17.85 16.37
N ASN A 319 -26.82 16.80 17.20
CA ASN A 319 -25.89 16.76 18.33
C ASN A 319 -24.45 16.66 17.87
N SER A 320 -24.20 15.86 16.82
CA SER A 320 -22.86 15.77 16.25
C SER A 320 -22.37 17.14 15.78
N ALA A 321 -23.25 17.91 15.12
CA ALA A 321 -22.87 19.25 14.66
C ALA A 321 -22.60 20.19 15.84
N GLU A 322 -23.36 20.06 16.92
CA GLU A 322 -23.11 20.86 18.11
C GLU A 322 -21.75 20.54 18.72
N THR A 323 -21.39 19.26 18.75
CA THR A 323 -20.08 18.87 19.28
C THR A 323 -18.96 19.49 18.44
N ILE A 324 -19.08 19.42 17.12
CA ILE A 324 -18.08 20.01 16.24
C ILE A 324 -18.01 21.52 16.48
N TRP A 325 -19.18 22.17 16.49
CA TRP A 325 -19.20 23.62 16.64
C TRP A 325 -18.59 24.06 17.96
N ASN A 326 -18.78 23.28 19.01
CA ASN A 326 -18.22 23.63 20.31
C ASN A 326 -16.70 23.82 20.23
N THR A 327 -16.03 23.02 19.39
CA THR A 327 -14.60 23.19 19.18
C THR A 327 -14.32 24.24 18.10
N GLN A 328 -15.14 24.26 17.05
CA GLN A 328 -14.85 25.10 15.89
C GLN A 328 -14.99 26.59 16.21
N LYS A 329 -15.91 26.94 17.09
CA LYS A 329 -16.11 28.35 17.43
C LYS A 329 -14.87 28.98 18.06
N ASP A 330 -13.97 28.17 18.62
CA ASP A 330 -12.83 28.68 19.36
C ASP A 330 -11.57 28.89 18.51
N ILE A 331 -11.59 28.54 17.23
CA ILE A 331 -10.45 28.78 16.36
C ILE A 331 -10.58 30.17 15.75
N GLN A 332 -9.43 30.81 15.52
CA GLN A 332 -9.39 32.15 14.95
C GLN A 332 -8.77 32.11 13.58
N LEU A 333 -9.49 32.64 12.59
CA LEU A 333 -9.00 32.71 11.22
C LEU A 333 -8.81 34.17 10.79
N SER B 1 -28.98 -11.84 18.72
CA SER B 1 -27.66 -11.53 18.08
C SER B 1 -27.63 -11.86 16.58
N MET B 2 -26.85 -11.10 15.81
CA MET B 2 -26.71 -11.40 14.40
C MET B 2 -25.98 -12.73 14.18
N HIS B 3 -25.09 -13.11 15.09
CA HIS B 3 -24.42 -14.41 14.99
C HIS B 3 -25.42 -15.56 15.10
N SER B 4 -26.44 -15.41 15.95
CA SER B 4 -27.44 -16.47 16.09
C SER B 4 -28.46 -16.44 14.98
N LEU B 5 -28.85 -15.25 14.50
CA LEU B 5 -29.90 -15.19 13.49
C LEU B 5 -29.40 -15.62 12.12
N LYS B 6 -28.13 -15.38 11.80
CA LYS B 6 -27.61 -15.88 10.52
C LYS B 6 -27.77 -17.38 10.41
N GLU B 7 -27.74 -18.08 11.55
CA GLU B 7 -27.94 -19.53 11.54
C GLU B 7 -29.33 -19.88 11.03
N GLU B 8 -30.26 -18.92 11.05
CA GLU B 8 -31.63 -19.17 10.63
C GLU B 8 -32.03 -18.52 9.31
N PHE B 9 -31.49 -17.35 8.94
CA PHE B 9 -31.87 -16.77 7.67
C PHE B 9 -30.92 -17.12 6.52
N LEU B 10 -29.95 -18.00 6.77
CA LEU B 10 -29.15 -18.62 5.72
C LEU B 10 -29.29 -20.13 5.79
N ILE B 11 -29.40 -20.77 4.63
CA ILE B 11 -29.38 -22.23 4.51
C ILE B 11 -28.00 -22.61 4.01
N ARG B 12 -27.22 -23.34 4.81
CA ARG B 12 -25.97 -23.89 4.33
C ARG B 12 -26.23 -25.06 3.39
N LEU B 13 -25.65 -25.01 2.20
CA LEU B 13 -25.70 -26.12 1.26
C LEU B 13 -24.48 -27.02 1.37
N THR B 14 -23.39 -26.51 1.95
CA THR B 14 -22.18 -27.28 2.17
C THR B 14 -21.91 -27.32 3.66
N ASN B 15 -21.79 -28.52 4.21
CA ASN B 15 -21.28 -28.67 5.56
C ASN B 15 -19.79 -28.99 5.55
N GLU B 16 -19.18 -29.01 4.36
CA GLU B 16 -17.73 -29.01 4.23
C GLU B 16 -17.19 -27.61 4.47
N ASP B 17 -16.07 -27.54 5.18
CA ASP B 17 -15.36 -26.29 5.44
C ASP B 17 -13.96 -26.39 4.83
N LEU B 18 -13.90 -26.30 3.50
CA LEU B 18 -12.65 -26.53 2.78
C LEU B 18 -11.55 -25.58 3.23
N ASN B 19 -10.38 -25.73 2.63
CA ASN B 19 -9.25 -24.85 2.89
C ASN B 19 -9.12 -23.84 1.76
N ALA B 20 -8.74 -22.62 2.12
CA ALA B 20 -8.40 -21.61 1.13
C ALA B 20 -7.54 -22.21 0.03
N SER B 21 -7.73 -21.72 -1.19
CA SER B 21 -6.99 -22.19 -2.35
C SER B 21 -5.76 -21.35 -2.66
N ASN B 22 -5.72 -20.09 -2.22
CA ASN B 22 -4.56 -19.23 -2.39
C ASN B 22 -4.24 -18.58 -1.05
N LYS B 23 -3.80 -19.41 -0.10
CA LYS B 23 -3.40 -18.94 1.21
C LYS B 23 -1.97 -18.44 1.14
N ILE B 24 -1.75 -17.18 1.50
CA ILE B 24 -0.43 -16.57 1.47
C ILE B 24 -0.06 -16.12 2.87
N THR B 25 1.14 -16.48 3.30
CA THR B 25 1.67 -16.08 4.59
C THR B 25 2.84 -15.13 4.40
N VAL B 26 2.85 -14.05 5.17
CA VAL B 26 3.99 -13.14 5.25
C VAL B 26 4.56 -13.25 6.66
N ILE B 27 5.83 -13.62 6.77
CA ILE B 27 6.54 -13.68 8.05
C ILE B 27 7.27 -12.37 8.25
N GLY B 28 6.90 -11.64 9.30
CA GLY B 28 7.49 -10.35 9.60
C GLY B 28 6.54 -9.24 9.19
N VAL B 29 6.10 -8.42 10.15
CA VAL B 29 5.16 -7.34 9.86
C VAL B 29 5.88 -6.03 10.09
N GLY B 30 7.14 -5.97 9.69
CA GLY B 30 7.88 -4.73 9.68
C GLY B 30 7.55 -3.91 8.46
N ALA B 31 8.43 -2.96 8.16
CA ALA B 31 8.21 -2.08 7.02
C ALA B 31 8.10 -2.88 5.73
N VAL B 32 8.97 -3.87 5.53
CA VAL B 32 8.95 -4.65 4.31
C VAL B 32 7.75 -5.59 4.28
N GLY B 33 7.50 -6.30 5.38
CA GLY B 33 6.41 -7.25 5.42
C GLY B 33 5.05 -6.62 5.15
N MET B 34 4.81 -5.44 5.72
CA MET B 34 3.53 -4.79 5.51
C MET B 34 3.42 -4.21 4.09
N ALA B 35 4.50 -3.66 3.56
CA ALA B 35 4.44 -3.21 2.17
C ALA B 35 4.20 -4.37 1.24
N CYS B 36 4.81 -5.54 1.51
CA CYS B 36 4.55 -6.73 0.73
C CYS B 36 3.09 -7.16 0.88
N ALA B 37 2.62 -7.22 2.12
CA ALA B 37 1.22 -7.61 2.34
C ALA B 37 0.27 -6.67 1.63
N PHE B 38 0.55 -5.36 1.68
CA PHE B 38 -0.35 -4.40 1.06
C PHE B 38 -0.38 -4.58 -0.45
N SER B 39 0.79 -4.80 -1.07
CA SER B 39 0.84 -5.00 -2.51
C SER B 39 0.15 -6.29 -2.92
N ILE B 40 0.34 -7.36 -2.14
CA ILE B 40 -0.32 -8.64 -2.45
C ILE B 40 -1.82 -8.48 -2.34
N LEU B 41 -2.29 -7.73 -1.33
CA LEU B 41 -3.72 -7.48 -1.20
C LEU B 41 -4.26 -6.66 -2.36
N ASN B 42 -3.52 -5.63 -2.79
CA ASN B 42 -3.96 -4.81 -3.92
C ASN B 42 -4.03 -5.63 -5.20
N LYS B 43 -3.19 -6.65 -5.34
CA LYS B 43 -3.21 -7.50 -6.52
C LYS B 43 -4.19 -8.66 -6.38
N GLU B 44 -4.93 -8.73 -5.28
CA GLU B 44 -6.03 -9.68 -5.14
C GLU B 44 -5.57 -11.12 -5.34
N LEU B 45 -4.36 -11.42 -4.84
CA LEU B 45 -3.76 -12.73 -5.10
C LEU B 45 -4.23 -13.79 -4.10
N ALA B 46 -4.65 -13.40 -2.91
CA ALA B 46 -4.94 -14.33 -1.83
C ALA B 46 -6.40 -14.25 -1.43
N ASP B 47 -7.02 -15.41 -1.18
CA ASP B 47 -8.28 -15.41 -0.45
C ASP B 47 -8.07 -15.50 1.05
N GLU B 48 -6.86 -15.83 1.50
CA GLU B 48 -6.53 -15.81 2.92
C GLU B 48 -5.10 -15.29 3.06
N LEU B 49 -4.93 -14.22 3.82
CA LEU B 49 -3.63 -13.64 4.12
C LEU B 49 -3.33 -13.84 5.59
N VAL B 50 -2.17 -14.44 5.88
CA VAL B 50 -1.73 -14.67 7.25
C VAL B 50 -0.45 -13.87 7.51
N LEU B 51 -0.44 -13.13 8.62
CA LEU B 51 0.72 -12.36 9.06
C LEU B 51 1.27 -12.99 10.34
N ILE B 52 2.57 -13.29 10.35
CA ILE B 52 3.24 -13.88 11.50
C ILE B 52 4.37 -12.97 11.95
N ASP B 53 4.51 -12.80 13.27
CA ASP B 53 5.60 -12.03 13.87
C ASP B 53 5.71 -12.47 15.33
N VAL B 54 6.52 -11.78 16.11
CA VAL B 54 6.75 -12.12 17.50
C VAL B 54 6.38 -10.98 18.45
N VAL B 55 5.82 -9.89 17.93
CA VAL B 55 5.38 -8.75 18.71
C VAL B 55 3.86 -8.72 18.62
N GLU B 56 3.17 -9.15 19.68
CA GLU B 56 1.73 -9.38 19.61
C GLU B 56 0.96 -8.12 19.31
N ASP B 57 1.29 -7.01 19.99
CA ASP B 57 0.51 -5.80 19.84
C ASP B 57 0.59 -5.26 18.41
N LYS B 58 1.80 -5.09 17.88
CA LYS B 58 1.94 -4.56 16.53
C LYS B 58 1.28 -5.48 15.50
N LEU B 59 1.34 -6.79 15.72
CA LEU B 59 0.64 -7.74 14.84
C LEU B 59 -0.84 -7.41 14.78
N LYS B 60 -1.49 -7.37 15.95
CA LYS B 60 -2.92 -7.17 16.01
C LYS B 60 -3.31 -5.81 15.45
N GLY B 61 -2.51 -4.78 15.73
CA GLY B 61 -2.82 -3.46 15.21
C GLY B 61 -2.74 -3.41 13.69
N GLU B 62 -1.69 -4.02 13.11
CA GLU B 62 -1.57 -4.07 11.66
C GLU B 62 -2.69 -4.91 11.04
N MET B 63 -3.02 -6.04 11.67
CA MET B 63 -4.12 -6.88 11.20
C MET B 63 -5.43 -6.10 11.18
N MET B 64 -5.73 -5.42 12.29
CA MET B 64 -6.99 -4.67 12.37
C MET B 64 -7.02 -3.56 11.32
N ASP B 65 -5.89 -2.88 11.10
CA ASP B 65 -5.84 -1.79 10.14
C ASP B 65 -6.11 -2.30 8.72
N LEU B 66 -5.48 -3.42 8.35
CA LEU B 66 -5.75 -4.02 7.05
C LEU B 66 -7.20 -4.49 6.95
N GLN B 67 -7.68 -5.20 7.98
CA GLN B 67 -9.02 -5.76 7.95
C GLN B 67 -10.08 -4.70 7.69
N GLN B 68 -9.90 -3.52 8.28
CA GLN B 68 -10.93 -2.50 8.23
C GLN B 68 -11.01 -1.84 6.87
N GLY B 69 -10.05 -2.09 5.98
CA GLY B 69 -10.16 -1.72 4.59
C GLY B 69 -10.68 -2.83 3.70
N SER B 70 -11.17 -3.93 4.28
CA SER B 70 -11.63 -5.09 3.52
C SER B 70 -12.66 -4.74 2.46
N LEU B 71 -13.51 -3.73 2.71
CA LEU B 71 -14.50 -3.34 1.72
C LEU B 71 -13.86 -3.02 0.38
N PHE B 72 -12.63 -2.53 0.39
CA PHE B 72 -11.93 -2.11 -0.83
C PHE B 72 -11.01 -3.20 -1.36
N LEU B 73 -11.12 -4.42 -0.83
CA LEU B 73 -10.22 -5.51 -1.18
C LEU B 73 -11.04 -6.72 -1.63
N LYS B 74 -10.33 -7.76 -2.06
CA LYS B 74 -10.92 -9.04 -2.46
C LYS B 74 -10.24 -10.19 -1.72
N THR B 75 -9.95 -9.99 -0.44
CA THR B 75 -9.32 -11.00 0.40
C THR B 75 -10.22 -11.19 1.63
N PRO B 76 -11.02 -12.26 1.66
CA PRO B 76 -12.05 -12.35 2.72
C PRO B 76 -11.54 -12.68 4.10
N ASN B 77 -10.35 -13.26 4.25
CA ASN B 77 -9.81 -13.60 5.56
C ASN B 77 -8.41 -13.02 5.69
N ILE B 78 -8.23 -12.13 6.65
CA ILE B 78 -6.93 -11.60 7.02
C ILE B 78 -6.73 -11.89 8.50
N ILE B 79 -5.65 -12.59 8.82
CA ILE B 79 -5.41 -13.00 10.21
C ILE B 79 -3.94 -12.79 10.54
N ALA B 80 -3.66 -12.69 11.83
CA ALA B 80 -2.32 -12.44 12.31
C ALA B 80 -2.12 -13.08 13.68
N GLY B 81 -0.91 -13.58 13.91
CA GLY B 81 -0.60 -14.13 15.22
C GLY B 81 0.83 -14.62 15.29
N LYS B 82 1.14 -15.25 16.43
CA LYS B 82 2.45 -15.84 16.64
C LYS B 82 2.51 -17.31 16.28
N ASP B 83 1.36 -17.98 16.24
CA ASP B 83 1.31 -19.43 16.14
C ASP B 83 1.34 -19.86 14.68
N TYR B 84 2.34 -20.67 14.31
CA TYR B 84 2.47 -21.09 12.91
C TYR B 84 1.34 -22.00 12.47
N GLU B 85 0.54 -22.53 13.39
CA GLU B 85 -0.64 -23.29 12.98
C GLU B 85 -1.56 -22.42 12.12
N LEU B 86 -1.50 -21.10 12.28
CA LEU B 86 -2.27 -20.20 11.43
C LEU B 86 -1.84 -20.29 9.97
N THR B 87 -0.60 -20.68 9.70
CA THR B 87 -0.07 -20.69 8.34
C THR B 87 -0.34 -21.99 7.59
N ALA B 88 -1.05 -22.94 8.20
CA ALA B 88 -1.12 -24.29 7.65
C ALA B 88 -1.65 -24.26 6.22
N ASN B 89 -1.02 -25.05 5.36
CA ASN B 89 -1.46 -25.24 3.99
C ASN B 89 -1.34 -23.97 3.15
N SER B 90 -0.33 -23.15 3.44
CA SER B 90 -0.08 -21.96 2.64
C SER B 90 0.49 -22.34 1.28
N LYS B 91 0.01 -21.66 0.24
CA LYS B 91 0.57 -21.85 -1.09
C LYS B 91 1.91 -21.14 -1.21
N LEU B 92 2.02 -19.96 -0.61
CA LEU B 92 3.20 -19.12 -0.75
C LEU B 92 3.52 -18.55 0.62
N VAL B 93 4.80 -18.57 0.99
CA VAL B 93 5.27 -18.01 2.25
C VAL B 93 6.37 -17.01 1.95
N VAL B 94 6.15 -15.75 2.30
CA VAL B 94 7.08 -14.66 2.06
C VAL B 94 7.75 -14.34 3.39
N VAL B 95 9.07 -14.48 3.44
CA VAL B 95 9.83 -14.31 4.68
C VAL B 95 10.57 -12.99 4.58
N THR B 96 10.14 -12.02 5.39
CA THR B 96 10.74 -10.70 5.44
C THR B 96 11.33 -10.39 6.81
N ALA B 97 11.38 -11.37 7.71
CA ALA B 97 11.81 -11.12 9.08
C ALA B 97 13.32 -10.96 9.15
N GLY B 98 13.76 -10.08 10.04
CA GLY B 98 15.15 -10.04 10.42
C GLY B 98 15.73 -8.66 10.55
N ALA B 99 16.99 -8.62 10.96
CA ALA B 99 17.71 -7.35 11.05
C ALA B 99 17.84 -6.73 9.69
N ARG B 100 17.85 -5.40 9.66
CA ARG B 100 18.03 -4.66 8.43
C ARG B 100 19.26 -3.79 8.57
N GLN B 101 19.62 -3.13 7.48
CA GLN B 101 20.85 -2.36 7.44
C GLN B 101 20.72 -1.05 8.19
N GLN B 102 21.74 -0.74 8.97
CA GLN B 102 21.97 0.64 9.40
C GLN B 102 22.65 1.40 8.28
N GLU B 103 22.74 2.71 8.45
CA GLU B 103 23.36 3.56 7.43
C GLU B 103 24.77 3.06 7.11
N GLY B 104 25.00 2.77 5.83
CA GLY B 104 26.33 2.40 5.34
C GLY B 104 26.74 0.97 5.59
N GLU B 105 25.82 0.10 6.03
CA GLU B 105 26.14 -1.26 6.44
C GLU B 105 25.88 -2.24 5.30
N SER B 106 26.84 -3.13 5.05
CA SER B 106 26.66 -4.16 4.03
C SER B 106 25.53 -5.09 4.42
N ARG B 107 24.74 -5.51 3.43
CA ARG B 107 23.75 -6.55 3.69
C ARG B 107 24.41 -7.81 4.21
N LEU B 108 25.66 -8.04 3.81
CA LEU B 108 26.34 -9.27 4.18
C LEU B 108 26.60 -9.33 5.68
N ASN B 109 26.69 -8.17 6.34
CA ASN B 109 26.92 -8.11 7.78
C ASN B 109 25.71 -8.54 8.59
N LEU B 110 24.55 -8.73 7.96
CA LEU B 110 23.32 -9.14 8.63
C LEU B 110 23.18 -10.64 8.78
N VAL B 111 24.06 -11.42 8.15
CA VAL B 111 23.68 -12.79 7.82
C VAL B 111 23.64 -13.66 9.07
N GLN B 112 24.61 -13.53 9.97
CA GLN B 112 24.62 -14.42 11.12
C GLN B 112 23.43 -14.16 12.03
N ARG B 113 23.05 -12.89 12.19
CA ARG B 113 21.84 -12.56 12.94
C ARG B 113 20.62 -13.20 12.31
N ASN B 114 20.49 -13.12 10.98
CA ASN B 114 19.26 -13.58 10.35
C ASN B 114 19.27 -15.08 10.10
N VAL B 115 20.45 -15.70 9.99
CA VAL B 115 20.50 -17.16 10.05
C VAL B 115 19.86 -17.67 11.34
N ASN B 116 20.21 -17.05 12.46
CA ASN B 116 19.65 -17.47 13.73
C ASN B 116 18.12 -17.38 13.72
N ILE B 117 17.59 -16.27 13.20
CA ILE B 117 16.13 -16.11 13.07
C ILE B 117 15.54 -17.19 12.17
N PHE B 118 16.19 -17.45 11.03
CA PHE B 118 15.70 -18.47 10.10
C PHE B 118 15.71 -19.87 10.71
N LYS B 119 16.67 -20.18 11.60
CA LYS B 119 16.68 -21.50 12.21
C LYS B 119 15.42 -21.77 13.03
N PHE B 120 14.73 -20.71 13.45
CA PHE B 120 13.42 -20.84 14.10
C PHE B 120 12.28 -20.82 13.08
N ILE B 121 12.32 -19.88 12.15
CA ILE B 121 11.20 -19.67 11.23
C ILE B 121 11.02 -20.86 10.31
N ILE B 122 12.06 -21.22 9.56
CA ILE B 122 11.88 -22.16 8.45
C ILE B 122 11.34 -23.52 8.92
N PRO B 123 11.88 -24.17 9.93
CA PRO B 123 11.29 -25.45 10.37
C PRO B 123 9.82 -25.33 10.78
N ASN B 124 9.42 -24.20 11.35
CA ASN B 124 8.01 -24.01 11.69
C ASN B 124 7.16 -23.81 10.43
N VAL B 125 7.67 -23.07 9.45
CA VAL B 125 6.95 -22.96 8.17
C VAL B 125 6.75 -24.34 7.56
N VAL B 126 7.83 -25.13 7.46
CA VAL B 126 7.79 -26.42 6.77
C VAL B 126 6.91 -27.40 7.52
N LYS B 127 6.82 -27.29 8.83
CA LYS B 127 5.98 -28.20 9.61
C LYS B 127 4.52 -28.10 9.19
N TYR B 128 4.05 -26.89 8.89
CA TYR B 128 2.64 -26.65 8.64
C TYR B 128 2.29 -26.47 7.17
N SER B 129 3.25 -26.16 6.32
CA SER B 129 3.04 -26.05 4.88
C SER B 129 4.20 -26.73 4.16
N PRO B 130 4.24 -28.06 4.18
CA PRO B 130 5.37 -28.77 3.54
C PRO B 130 5.39 -28.64 2.03
N ASP B 131 4.28 -28.25 1.40
CA ASP B 131 4.21 -28.13 -0.05
C ASP B 131 4.22 -26.69 -0.53
N CYS B 132 4.52 -25.73 0.35
CA CYS B 132 4.45 -24.34 -0.04
C CYS B 132 5.67 -23.93 -0.86
N ILE B 133 5.56 -22.75 -1.47
CA ILE B 133 6.68 -22.05 -2.08
C ILE B 133 7.22 -21.07 -1.06
N LEU B 134 8.53 -21.10 -0.84
CA LEU B 134 9.20 -20.12 0.01
C LEU B 134 9.79 -19.01 -0.85
N LEU B 135 9.43 -17.77 -0.55
CA LEU B 135 9.97 -16.59 -1.21
C LEU B 135 10.71 -15.79 -0.15
N ILE B 136 12.03 -15.77 -0.23
CA ILE B 136 12.86 -15.16 0.80
C ILE B 136 13.17 -13.72 0.40
N VAL B 137 12.97 -12.79 1.33
CA VAL B 137 13.21 -11.38 1.09
C VAL B 137 14.29 -10.85 2.05
N SER B 138 14.32 -11.38 3.26
CA SER B 138 15.29 -10.92 4.26
C SER B 138 16.71 -10.96 3.71
N ASN B 139 17.57 -9.97 4.21
CA ASN B 139 18.93 -9.85 3.69
C ASN B 139 19.94 -10.56 4.59
N PRO B 140 21.07 -11.03 4.02
CA PRO B 140 21.38 -10.95 2.58
C PRO B 140 20.64 -12.03 1.81
N VAL B 141 19.83 -11.61 0.84
CA VAL B 141 18.80 -12.50 0.32
C VAL B 141 19.40 -13.75 -0.33
N ASP B 142 20.58 -13.61 -0.94
CA ASP B 142 21.17 -14.74 -1.66
C ASP B 142 21.65 -15.84 -0.71
N ILE B 143 22.30 -15.46 0.39
CA ILE B 143 22.72 -16.48 1.36
C ILE B 143 21.51 -17.04 2.10
N LEU B 144 20.56 -16.18 2.48
CA LEU B 144 19.43 -16.69 3.25
C LEU B 144 18.52 -17.57 2.42
N THR B 145 18.51 -17.43 1.09
CA THR B 145 17.80 -18.39 0.24
C THR B 145 18.48 -19.75 0.31
N TYR B 146 19.81 -19.76 0.22
CA TYR B 146 20.58 -20.98 0.46
C TYR B 146 20.25 -21.57 1.82
N VAL B 147 20.25 -20.73 2.86
CA VAL B 147 19.94 -21.20 4.21
C VAL B 147 18.55 -21.82 4.25
N ALA B 148 17.55 -21.13 3.69
CA ALA B 148 16.19 -21.65 3.70
C ALA B 148 16.11 -22.99 3.00
N TRP B 149 16.82 -23.13 1.88
CA TRP B 149 16.86 -24.40 1.16
C TRP B 149 17.41 -25.52 2.06
N LYS B 150 18.51 -25.25 2.75
CA LYS B 150 19.15 -26.26 3.60
C LYS B 150 18.28 -26.61 4.80
N LEU B 151 17.69 -25.62 5.46
CA LEU B 151 16.86 -25.91 6.62
C LEU B 151 15.55 -26.57 6.25
N SER B 152 14.97 -26.21 5.09
CA SER B 152 13.64 -26.72 4.74
C SER B 152 13.71 -28.13 4.19
N GLY B 153 14.79 -28.48 3.50
CA GLY B 153 14.79 -29.70 2.73
C GLY B 153 13.92 -29.67 1.50
N PHE B 154 13.44 -28.49 1.09
CA PHE B 154 12.61 -28.38 -0.09
C PHE B 154 13.42 -28.61 -1.36
N PRO B 155 12.76 -28.97 -2.46
CA PRO B 155 13.45 -28.96 -3.75
C PRO B 155 13.72 -27.53 -4.19
N LEU B 156 14.67 -27.41 -5.12
CA LEU B 156 15.15 -26.08 -5.50
C LEU B 156 14.04 -25.23 -6.11
N ASN B 157 13.07 -25.85 -6.78
CA ASN B 157 12.02 -25.06 -7.40
C ASN B 157 11.16 -24.31 -6.39
N ARG B 158 11.11 -24.76 -5.14
CA ARG B 158 10.22 -24.15 -4.16
C ARG B 158 10.96 -23.30 -3.13
N VAL B 159 12.19 -22.88 -3.41
CA VAL B 159 12.93 -21.98 -2.53
C VAL B 159 13.51 -20.87 -3.40
N ILE B 160 12.93 -19.68 -3.29
CA ILE B 160 13.23 -18.58 -4.22
C ILE B 160 13.59 -17.35 -3.42
N GLY B 161 14.68 -16.69 -3.79
CA GLY B 161 15.02 -15.37 -3.27
C GLY B 161 14.57 -14.26 -4.19
N SER B 162 14.07 -13.17 -3.58
CA SER B 162 13.59 -12.03 -4.36
C SER B 162 14.72 -11.41 -5.18
N GLY B 163 15.96 -11.58 -4.72
CA GLY B 163 17.12 -11.36 -5.58
C GLY B 163 17.17 -10.02 -6.26
N CYS B 164 17.45 -10.03 -7.56
CA CYS B 164 17.66 -8.82 -8.35
C CYS B 164 16.44 -8.41 -9.16
N ASN B 165 15.25 -8.96 -8.84
CA ASN B 165 14.05 -8.42 -9.47
C ASN B 165 13.95 -6.92 -9.20
N LEU B 166 14.23 -6.52 -7.96
CA LEU B 166 14.21 -5.12 -7.57
C LEU B 166 15.34 -4.33 -8.21
N ASP B 167 16.57 -4.87 -8.16
CA ASP B 167 17.71 -4.16 -8.76
C ASP B 167 17.50 -3.93 -10.25
N SER B 168 16.92 -4.91 -10.94
CA SER B 168 16.63 -4.75 -12.37
C SER B 168 15.58 -3.69 -12.59
N ALA B 169 14.52 -3.68 -11.76
CA ALA B 169 13.51 -2.63 -11.85
C ALA B 169 14.15 -1.25 -11.70
N ARG B 170 15.07 -1.11 -10.75
CA ARG B 170 15.75 0.18 -10.54
C ARG B 170 16.59 0.54 -11.75
N PHE B 171 17.34 -0.42 -12.29
CA PHE B 171 18.14 -0.19 -13.48
C PHE B 171 17.25 0.27 -14.64
N ARG B 172 16.17 -0.47 -14.89
CA ARG B 172 15.29 -0.14 -16.01
C ARG B 172 14.64 1.23 -15.82
N TYR B 173 14.28 1.57 -14.59
CA TYR B 173 13.72 2.89 -14.33
C TYR B 173 14.71 3.99 -14.65
N LEU B 174 15.97 3.82 -14.22
CA LEU B 174 16.95 4.89 -14.38
C LEU B 174 17.28 5.11 -15.85
N VAL B 175 17.49 4.02 -16.60
CA VAL B 175 17.78 4.17 -18.01
C VAL B 175 16.55 4.72 -18.74
N SER B 176 15.35 4.28 -18.34
CA SER B 176 14.15 4.73 -19.04
C SER B 176 13.92 6.22 -18.84
N GLU B 177 14.30 6.77 -17.70
CA GLU B 177 14.15 8.20 -17.47
C GLU B 177 15.05 9.02 -18.40
N MET B 178 16.24 8.51 -18.73
CA MET B 178 17.13 9.25 -19.62
C MET B 178 16.61 9.25 -21.04
N ILE B 179 15.99 8.15 -21.47
CA ILE B 179 15.47 8.05 -22.83
C ILE B 179 14.12 8.74 -22.95
N GLY B 180 13.34 8.75 -21.88
CA GLY B 180 12.01 9.31 -21.92
C GLY B 180 10.93 8.33 -22.33
N ILE B 181 11.11 7.04 -22.03
CA ILE B 181 10.10 6.03 -22.29
C ILE B 181 9.73 5.35 -20.99
N HIS B 182 8.62 4.60 -21.03
CA HIS B 182 8.19 3.88 -19.86
C HIS B 182 9.14 2.72 -19.59
N PRO B 183 9.47 2.44 -18.32
CA PRO B 183 10.49 1.41 -18.06
C PRO B 183 10.11 0.02 -18.54
N SER B 184 8.83 -0.27 -18.75
CA SER B 184 8.44 -1.59 -19.22
C SER B 184 8.92 -1.87 -20.64
N ASN B 185 9.30 -0.83 -21.40
CA ASN B 185 9.78 -1.03 -22.77
C ASN B 185 11.30 -0.94 -22.89
N PHE B 186 12.01 -0.75 -21.78
CA PHE B 186 13.45 -0.90 -21.74
C PHE B 186 13.79 -2.20 -21.02
N HIS B 187 14.59 -3.03 -21.66
CA HIS B 187 14.87 -4.37 -21.17
C HIS B 187 16.34 -4.46 -20.82
N GLY B 188 16.61 -4.55 -19.54
CA GLY B 188 17.96 -4.60 -19.02
C GLY B 188 17.97 -5.50 -17.79
N CYS B 189 18.99 -6.32 -17.69
CA CYS B 189 19.08 -7.36 -16.69
C CYS B 189 20.23 -7.06 -15.74
N ILE B 190 19.97 -7.16 -14.44
CA ILE B 190 21.02 -7.16 -13.43
C ILE B 190 20.98 -8.49 -12.73
N LEU B 191 22.10 -9.19 -12.73
CA LEU B 191 22.22 -10.51 -12.14
C LEU B 191 23.28 -10.51 -11.05
N GLY B 192 23.42 -11.66 -10.40
CA GLY B 192 24.39 -11.80 -9.33
C GLY B 192 23.81 -11.46 -7.98
N GLU B 193 24.71 -11.13 -7.06
CA GLU B 193 24.32 -10.72 -5.71
C GLU B 193 23.34 -9.57 -5.75
N HIS B 194 22.26 -9.69 -4.96
CA HIS B 194 21.49 -8.52 -4.57
C HIS B 194 22.35 -7.71 -3.62
N GLY B 195 23.19 -6.83 -4.16
CA GLY B 195 24.17 -6.12 -3.33
C GLY B 195 25.24 -5.45 -4.16
N ASP B 196 26.40 -5.25 -3.54
CA ASP B 196 27.45 -4.41 -4.13
C ASP B 196 28.10 -5.05 -5.36
N SER B 197 28.08 -6.38 -5.47
CA SER B 197 28.75 -7.07 -6.56
C SER B 197 27.79 -7.51 -7.68
N SER B 198 26.64 -6.86 -7.82
CA SER B 198 25.73 -7.21 -8.90
C SER B 198 26.32 -6.85 -10.26
N VAL B 199 25.77 -7.46 -11.31
CA VAL B 199 26.36 -7.42 -12.65
C VAL B 199 25.35 -6.99 -13.70
N PRO B 200 25.53 -5.84 -14.34
CA PRO B 200 24.62 -5.46 -15.44
C PRO B 200 24.97 -6.25 -16.70
N ILE B 201 23.94 -6.82 -17.32
CA ILE B 201 24.15 -7.63 -18.54
C ILE B 201 24.00 -6.66 -19.72
N LEU B 202 25.06 -5.87 -19.91
CA LEU B 202 25.03 -4.85 -20.95
C LEU B 202 24.89 -5.43 -22.35
N SER B 203 25.25 -6.70 -22.53
CA SER B 203 25.09 -7.33 -23.84
C SER B 203 23.63 -7.56 -24.20
N GLY B 204 22.74 -7.53 -23.23
CA GLY B 204 21.34 -7.85 -23.45
C GLY B 204 20.41 -6.66 -23.54
N LEU B 205 20.94 -5.44 -23.54
CA LEU B 205 20.09 -4.26 -23.47
C LEU B 205 19.31 -4.08 -24.77
N ASN B 206 18.09 -3.58 -24.64
CA ASN B 206 17.11 -3.69 -25.71
C ASN B 206 15.95 -2.74 -25.42
N ILE B 207 15.41 -2.10 -26.46
CA ILE B 207 14.20 -1.27 -26.35
C ILE B 207 13.15 -1.85 -27.29
N ALA B 208 12.06 -2.34 -26.71
CA ALA B 208 10.89 -2.79 -27.47
C ALA B 208 11.27 -3.60 -28.70
N GLY B 209 12.22 -4.52 -28.56
CA GLY B 209 12.62 -5.36 -29.67
C GLY B 209 13.68 -4.79 -30.57
N MET B 210 14.38 -3.74 -30.13
CA MET B 210 15.55 -3.20 -30.82
C MET B 210 16.75 -3.32 -29.89
N SER B 211 17.75 -4.10 -30.31
CA SER B 211 19.01 -4.14 -29.58
C SER B 211 19.65 -2.75 -29.58
N ILE B 212 20.48 -2.48 -28.56
CA ILE B 212 21.18 -1.19 -28.52
C ILE B 212 21.89 -0.94 -29.85
N LYS B 213 22.54 -1.96 -30.38
CA LYS B 213 23.30 -1.79 -31.61
C LYS B 213 22.40 -1.46 -32.80
N ASN B 214 21.09 -1.67 -32.67
CA ASN B 214 20.14 -1.14 -33.64
C ASN B 214 19.84 0.34 -33.45
N LEU B 215 20.39 0.97 -32.41
CA LEU B 215 20.14 2.38 -32.14
C LEU B 215 21.43 3.19 -32.30
N ASP B 226 29.82 2.39 -21.36
CA ASP B 226 30.33 3.53 -20.63
C ASP B 226 29.34 3.98 -19.57
N MET B 227 28.32 4.73 -19.99
CA MET B 227 27.40 5.33 -19.02
C MET B 227 26.37 4.34 -18.49
N CYS B 228 26.22 3.17 -19.12
CA CYS B 228 25.38 2.15 -18.51
C CYS B 228 26.09 1.45 -17.37
N LYS B 229 27.42 1.57 -17.29
CA LYS B 229 28.12 1.21 -16.06
C LYS B 229 27.87 2.25 -14.99
N ASP B 230 27.84 3.54 -15.37
CA ASP B 230 27.53 4.61 -14.42
C ASP B 230 26.16 4.42 -13.79
N VAL B 231 25.18 4.02 -14.58
CA VAL B 231 23.83 3.81 -14.06
C VAL B 231 23.85 2.65 -13.06
N HIS B 232 24.58 1.59 -13.38
CA HIS B 232 24.66 0.44 -12.48
C HIS B 232 25.21 0.85 -11.11
N LYS B 233 26.12 1.82 -11.08
CA LYS B 233 26.66 2.30 -9.80
C LYS B 233 25.58 3.02 -9.00
N LYS B 234 24.74 3.81 -9.67
CA LYS B 234 23.58 4.39 -8.99
C LYS B 234 22.66 3.30 -8.46
N VAL B 235 22.56 2.18 -9.14
CA VAL B 235 21.69 1.09 -8.68
C VAL B 235 22.27 0.45 -7.42
N THR B 236 23.58 0.17 -7.41
CA THR B 236 24.15 -0.46 -6.21
C THR B 236 24.07 0.47 -5.01
N GLU B 237 24.15 1.77 -5.23
CA GLU B 237 24.14 2.72 -4.13
C GLU B 237 22.74 3.13 -3.71
N SER B 238 21.70 2.76 -4.45
CA SER B 238 20.37 3.33 -4.24
C SER B 238 19.86 3.01 -2.84
N ALA B 239 19.95 1.74 -2.42
CA ALA B 239 19.45 1.37 -1.11
C ALA B 239 20.17 2.13 -0.01
N TYR B 240 21.50 2.27 -0.11
CA TYR B 240 22.24 3.01 0.89
C TYR B 240 21.74 4.45 0.98
N GLU B 241 21.48 5.07 -0.17
CA GLU B 241 21.03 6.46 -0.18
C GLU B 241 19.67 6.59 0.50
N ILE B 242 18.73 5.71 0.14
CA ILE B 242 17.40 5.78 0.75
C ILE B 242 17.50 5.50 2.25
N ILE B 243 18.30 4.51 2.64
CA ILE B 243 18.48 4.21 4.05
C ILE B 243 19.00 5.44 4.80
N LYS B 244 19.92 6.18 4.18
CA LYS B 244 20.45 7.39 4.79
C LYS B 244 19.38 8.46 4.93
N LEU B 245 18.51 8.58 3.92
CA LEU B 245 17.49 9.63 3.90
C LEU B 245 16.26 9.25 4.71
N LYS B 246 15.83 7.99 4.62
CA LYS B 246 14.55 7.55 5.15
C LYS B 246 14.69 6.54 6.29
N GLY B 247 15.84 5.88 6.42
CA GLY B 247 16.06 4.88 7.44
C GLY B 247 15.97 3.44 6.94
N TYR B 248 15.25 3.21 5.85
CA TYR B 248 14.94 1.87 5.37
C TYR B 248 14.33 2.03 3.98
N THR B 249 14.06 0.91 3.32
CA THR B 249 13.28 0.90 2.08
C THR B 249 12.09 -0.03 2.26
N SER B 250 11.03 0.19 1.48
CA SER B 250 9.84 -0.63 1.65
C SER B 250 8.96 -0.70 0.40
N TRP B 251 8.68 0.45 -0.23
CA TRP B 251 7.66 0.49 -1.27
C TRP B 251 8.08 -0.28 -2.52
N ALA B 252 9.32 -0.07 -2.99
CA ALA B 252 9.74 -0.74 -4.23
C ALA B 252 9.84 -2.26 -4.03
N ILE B 253 10.38 -2.72 -2.89
CA ILE B 253 10.47 -4.16 -2.67
C ILE B 253 9.08 -4.76 -2.50
N GLY B 254 8.16 -4.03 -1.87
CA GLY B 254 6.79 -4.51 -1.78
C GLY B 254 6.18 -4.72 -3.15
N LEU B 255 6.35 -3.74 -4.04
CA LEU B 255 5.88 -3.88 -5.41
C LEU B 255 6.59 -5.02 -6.13
N SER B 256 7.90 -5.17 -5.90
CA SER B 256 8.64 -6.24 -6.57
C SER B 256 8.20 -7.62 -6.09
N VAL B 257 7.93 -7.75 -4.79
CA VAL B 257 7.42 -9.01 -4.24
C VAL B 257 6.03 -9.30 -4.79
N GLY B 258 5.18 -8.29 -4.90
CA GLY B 258 3.87 -8.49 -5.49
C GLY B 258 3.97 -8.96 -6.93
N ASP B 259 4.94 -8.40 -7.67
CA ASP B 259 5.21 -8.85 -9.03
C ASP B 259 5.60 -10.32 -9.06
N LEU B 260 6.59 -10.72 -8.26
CA LEU B 260 6.98 -12.13 -8.19
C LEU B 260 5.81 -13.00 -7.77
N SER B 261 5.04 -12.54 -6.77
CA SER B 261 3.91 -13.30 -6.27
C SER B 261 2.86 -13.51 -7.35
N CYS B 262 2.60 -12.47 -8.15
CA CYS B 262 1.65 -12.60 -9.25
C CYS B 262 2.05 -13.74 -10.18
N SER B 263 3.32 -13.76 -10.61
CA SER B 263 3.75 -14.81 -11.54
C SER B 263 3.61 -16.18 -10.91
N LEU B 264 3.94 -16.32 -9.63
CA LEU B 264 3.85 -17.62 -8.97
C LEU B 264 2.41 -18.04 -8.79
N ILE B 265 1.57 -17.16 -8.25
CA ILE B 265 0.20 -17.52 -7.87
C ILE B 265 -0.66 -17.73 -9.10
N LYS B 266 -0.50 -16.88 -10.13
CA LYS B 266 -1.28 -16.98 -11.35
C LYS B 266 -0.62 -17.85 -12.41
N ASN B 267 0.51 -18.48 -12.10
CA ASN B 267 1.07 -19.52 -12.96
C ASN B 267 1.44 -18.97 -14.34
N LEU B 268 2.03 -17.78 -14.36
CA LEU B 268 2.19 -17.04 -15.61
C LEU B 268 3.37 -17.49 -16.45
N ARG B 269 4.33 -18.22 -15.87
CA ARG B 269 5.54 -18.60 -16.57
C ARG B 269 6.31 -17.37 -17.04
N LYS B 270 6.32 -16.32 -16.22
CA LYS B 270 7.11 -15.13 -16.50
C LYS B 270 8.55 -15.32 -16.02
N VAL B 271 9.44 -14.50 -16.56
CA VAL B 271 10.88 -14.59 -16.33
C VAL B 271 11.26 -13.47 -15.39
N HIS B 272 11.89 -13.84 -14.26
CA HIS B 272 12.40 -12.90 -13.28
C HIS B 272 13.82 -13.25 -12.87
N PRO B 273 14.66 -12.26 -12.63
CA PRO B 273 15.99 -12.52 -12.04
C PRO B 273 15.91 -12.71 -10.53
N VAL B 274 15.84 -13.95 -10.09
CA VAL B 274 15.63 -14.31 -8.69
C VAL B 274 16.78 -15.21 -8.24
N SER B 275 16.90 -15.37 -6.92
CA SER B 275 18.01 -16.13 -6.34
C SER B 275 17.72 -17.63 -6.38
N THR B 276 18.64 -18.38 -6.96
CA THR B 276 18.56 -19.83 -7.03
C THR B 276 19.99 -20.36 -7.14
N LEU B 277 20.13 -21.69 -7.04
CA LEU B 277 21.47 -22.30 -7.06
C LEU B 277 22.11 -22.17 -8.43
N VAL B 278 23.32 -21.63 -8.48
CA VAL B 278 24.03 -21.43 -9.75
C VAL B 278 25.32 -22.23 -9.84
N LYS B 279 25.50 -23.20 -8.95
CA LYS B 279 26.60 -24.16 -9.12
C LYS B 279 26.46 -24.84 -10.47
N GLY B 280 27.56 -24.90 -11.21
CA GLY B 280 27.56 -25.44 -12.56
C GLY B 280 27.47 -24.39 -13.65
N GLN B 281 27.28 -23.12 -13.29
CA GLN B 281 27.30 -22.03 -14.24
C GLN B 281 28.46 -21.09 -13.91
N PHE B 282 29.03 -20.49 -14.96
CA PHE B 282 30.05 -19.45 -14.83
C PHE B 282 31.25 -19.92 -14.01
N GLY B 283 31.54 -21.22 -14.07
CA GLY B 283 32.69 -21.76 -13.36
C GLY B 283 32.55 -21.83 -11.87
N ILE B 284 31.32 -21.80 -11.35
CA ILE B 284 31.07 -21.80 -9.92
C ILE B 284 30.89 -23.24 -9.45
N ASP B 285 31.78 -23.68 -8.56
CA ASP B 285 31.74 -25.05 -8.04
C ASP B 285 31.17 -25.14 -6.63
N ASN B 286 30.98 -24.00 -5.96
CA ASN B 286 30.38 -23.99 -4.64
C ASN B 286 28.86 -23.81 -4.74
N GLU B 287 28.15 -24.20 -3.67
CA GLU B 287 26.69 -24.16 -3.66
C GLU B 287 26.22 -22.72 -3.38
N VAL B 288 26.51 -21.85 -4.33
CA VAL B 288 26.18 -20.43 -4.19
C VAL B 288 24.86 -20.15 -4.89
N PHE B 289 23.99 -19.40 -4.22
CA PHE B 289 22.80 -18.83 -4.84
C PHE B 289 23.08 -17.38 -5.23
N LEU B 290 22.65 -17.00 -6.42
CA LEU B 290 22.56 -15.59 -6.80
C LEU B 290 21.51 -15.47 -7.90
N SER B 291 21.26 -14.24 -8.33
CA SER B 291 20.20 -14.03 -9.30
C SER B 291 20.64 -14.38 -10.71
N VAL B 292 19.87 -15.26 -11.34
CA VAL B 292 19.86 -15.50 -12.79
C VAL B 292 18.39 -15.47 -13.22
N PRO B 293 18.08 -15.35 -14.51
CA PRO B 293 16.67 -15.34 -14.91
C PRO B 293 16.03 -16.72 -14.78
N CYS B 294 14.84 -16.75 -14.21
CA CYS B 294 14.13 -18.00 -13.93
C CYS B 294 12.68 -17.86 -14.36
N VAL B 295 12.08 -18.98 -14.74
CA VAL B 295 10.69 -19.02 -15.17
C VAL B 295 9.84 -19.41 -13.96
N LEU B 296 8.86 -18.56 -13.62
CA LEU B 296 8.10 -18.67 -12.39
C LEU B 296 6.65 -19.03 -12.68
N GLY B 297 6.14 -20.00 -11.92
CA GLY B 297 4.75 -20.39 -11.98
C GLY B 297 4.32 -21.08 -10.70
N ARG B 298 3.22 -21.83 -10.79
CA ARG B 298 2.66 -22.40 -9.58
C ARG B 298 3.48 -23.55 -9.00
N ASN B 299 4.50 -24.02 -9.70
CA ASN B 299 5.45 -24.98 -9.12
C ASN B 299 6.73 -24.29 -8.65
N GLY B 300 6.72 -22.97 -8.53
CA GLY B 300 7.93 -22.24 -8.24
C GLY B 300 8.76 -22.02 -9.49
N ILE B 301 10.07 -22.22 -9.37
CA ILE B 301 10.97 -22.08 -10.52
C ILE B 301 10.89 -23.35 -11.34
N SER B 302 10.25 -23.27 -12.51
CA SER B 302 10.21 -24.44 -13.38
C SER B 302 11.47 -24.57 -14.23
N GLU B 303 12.09 -23.45 -14.59
CA GLU B 303 13.25 -23.45 -15.47
C GLU B 303 14.21 -22.34 -15.08
N VAL B 304 15.50 -22.62 -15.19
CA VAL B 304 16.55 -21.65 -14.95
C VAL B 304 17.30 -21.44 -16.25
N PHE B 305 17.56 -20.18 -16.59
CA PHE B 305 18.29 -19.86 -17.80
C PHE B 305 19.79 -20.09 -17.62
N LYS B 306 20.42 -20.70 -18.63
CA LYS B 306 21.86 -20.89 -18.75
C LYS B 306 22.41 -19.95 -19.81
N PRO B 307 22.52 -18.66 -19.55
CA PRO B 307 22.90 -17.75 -20.62
C PRO B 307 24.40 -17.81 -20.93
N LYS B 308 24.72 -17.52 -22.17
CA LYS B 308 26.09 -17.44 -22.65
C LYS B 308 26.44 -15.96 -22.76
N LEU B 309 26.97 -15.42 -21.67
CA LEU B 309 27.25 -14.00 -21.56
C LEU B 309 28.63 -13.69 -22.11
N THR B 310 28.98 -12.40 -22.13
CA THR B 310 30.32 -12.02 -22.53
C THR B 310 31.34 -12.52 -21.52
N VAL B 311 32.61 -12.47 -21.92
CA VAL B 311 33.68 -12.86 -21.01
C VAL B 311 33.70 -11.94 -19.79
N GLU B 312 33.48 -10.64 -20.00
CA GLU B 312 33.48 -9.71 -18.88
C GLU B 312 32.31 -9.97 -17.95
N GLU B 313 31.15 -10.35 -18.50
CA GLU B 313 29.96 -10.54 -17.68
C GLU B 313 30.06 -11.83 -16.86
N GLU B 314 30.57 -12.91 -17.46
CA GLU B 314 30.72 -14.14 -16.70
C GLU B 314 31.84 -14.04 -15.67
N GLN B 315 32.87 -13.24 -15.96
CA GLN B 315 33.89 -12.97 -14.95
C GLN B 315 33.31 -12.17 -13.79
N GLN B 316 32.49 -11.16 -14.10
CA GLN B 316 31.85 -10.38 -13.05
C GLN B 316 30.90 -11.23 -12.20
N LEU B 317 30.23 -12.20 -12.82
CA LEU B 317 29.37 -13.09 -12.06
C LEU B 317 30.17 -14.03 -11.17
N LYS B 318 31.30 -14.54 -11.69
CA LYS B 318 32.15 -15.39 -10.86
C LYS B 318 32.65 -14.64 -9.64
N ASN B 319 33.09 -13.39 -9.83
CA ASN B 319 33.50 -12.56 -8.70
C ASN B 319 32.35 -12.38 -7.71
N SER B 320 31.17 -12.06 -8.21
CA SER B 320 29.98 -11.96 -7.35
C SER B 320 29.82 -13.23 -6.53
N ALA B 321 29.88 -14.39 -7.18
CA ALA B 321 29.78 -15.67 -6.49
C ALA B 321 30.86 -15.81 -5.43
N GLU B 322 32.09 -15.39 -5.74
CA GLU B 322 33.17 -15.47 -4.76
C GLU B 322 32.92 -14.56 -3.58
N THR B 323 32.38 -13.36 -3.83
CA THR B 323 32.09 -12.43 -2.75
C THR B 323 31.04 -13.02 -1.81
N ILE B 324 29.97 -13.56 -2.38
CA ILE B 324 28.95 -14.25 -1.59
C ILE B 324 29.57 -15.40 -0.81
N TRP B 325 30.28 -16.28 -1.51
CA TRP B 325 30.85 -17.45 -0.87
C TRP B 325 31.77 -17.06 0.28
N ASN B 326 32.49 -15.94 0.13
CA ASN B 326 33.41 -15.50 1.17
C ASN B 326 32.70 -15.28 2.50
N THR B 327 31.45 -14.83 2.47
CA THR B 327 30.65 -14.68 3.69
C THR B 327 29.90 -15.96 4.04
N GLN B 328 29.35 -16.62 3.03
CA GLN B 328 28.54 -17.82 3.26
C GLN B 328 29.37 -18.94 3.90
N LYS B 329 30.63 -19.07 3.50
CA LYS B 329 31.46 -20.16 3.99
C LYS B 329 31.67 -20.09 5.50
N ASP B 330 31.57 -18.90 6.09
CA ASP B 330 31.80 -18.72 7.52
C ASP B 330 30.58 -19.04 8.38
N ILE B 331 29.44 -19.38 7.77
CA ILE B 331 28.20 -19.54 8.51
C ILE B 331 28.15 -20.93 9.13
N GLN B 332 27.70 -20.98 10.39
CA GLN B 332 27.39 -22.23 11.06
C GLN B 332 25.90 -22.50 10.94
N LEU B 333 25.55 -23.64 10.38
CA LEU B 333 24.16 -23.94 10.08
C LEU B 333 23.73 -25.29 10.67
C1 OXM C . -8.16 8.28 12.55
N1 OXM C . -6.94 8.30 13.07
O1 OXM C . -8.83 9.30 12.37
C2 OXM C . -8.73 6.96 12.17
O2 OXM C . -9.96 6.86 11.96
O3 OXM C . -7.95 5.96 12.06
HN1 OXM C . -6.46 9.18 13.21
HN2 OXM C . -6.47 7.43 13.32
PA NAD D . 2.76 11.49 10.39
O1A NAD D . 3.47 11.98 11.63
O2A NAD D . 3.25 10.11 9.97
O5B NAD D . 2.96 12.53 9.10
C5B NAD D . 2.54 13.85 9.19
C4B NAD D . 3.31 14.65 8.06
O4B NAD D . 2.84 15.85 8.01
C3B NAD D . 4.82 14.75 8.45
O3B NAD D . 5.65 14.19 7.45
C2B NAD D . 5.05 16.24 8.57
O2B NAD D . 6.46 16.59 8.19
C1B NAD D . 4.16 16.73 7.72
N9A NAD D . 3.92 18.15 7.94
C8A NAD D . 3.82 18.80 9.12
N7A NAD D . 3.63 20.07 8.88
C5A NAD D . 3.61 20.23 7.54
C6A NAD D . 3.46 21.38 6.77
N6A NAD D . 3.25 22.80 7.04
N1A NAD D . 3.49 21.29 5.46
C2A NAD D . 3.68 20.07 4.84
N3A NAD D . 3.83 18.96 5.60
C4A NAD D . 3.81 19.06 6.96
O3 NAD D . 1.20 11.42 10.83
PN NAD D . 0.08 10.57 10.01
O1N NAD D . 0.50 10.49 8.55
O2N NAD D . -0.08 9.19 10.66
O5D NAD D . -1.30 11.44 10.16
C5D NAD D . -1.42 12.66 9.44
C4D NAD D . -2.87 13.20 9.63
O4D NAD D . -3.75 12.31 9.17
C3D NAD D . -3.16 13.36 11.13
O3D NAD D . -3.81 14.51 11.38
C2D NAD D . -4.07 12.15 11.42
O2D NAD D . -4.86 12.42 12.63
C1D NAD D . -4.82 12.12 10.34
N1N NAD D . -5.54 10.89 10.08
C2N NAD D . -6.78 10.99 9.54
C3N NAD D . -7.52 9.85 9.25
C7N NAD D . -8.90 10.02 8.68
O7N NAD D . -9.66 9.07 8.62
N7N NAD D . -9.32 11.29 8.20
C4N NAD D . -6.99 8.61 9.50
C5N NAD D . -5.74 8.51 10.03
C6N NAD D . -5.00 9.67 10.33
H51A NAD D . 1.58 13.91 9.03
H52A NAD D . 2.76 14.21 10.06
H4B NAD D . 3.20 14.21 7.20
H3B NAD D . 4.98 14.32 9.30
HO3A NAD D . 6.45 14.45 7.57
H2B NAD D . 4.85 16.54 9.48
HO2A NAD D . 7.00 16.12 8.63
H1B NAD D . 4.45 16.58 6.81
H8A NAD D . 3.87 18.40 9.96
H61A NAD D . 3.08 23.06 7.85
H62A NAD D . 3.29 23.37 6.41
H2A NAD D . 3.69 20.00 3.92
H51N NAD D . -1.24 12.51 8.49
H52N NAD D . -0.79 13.32 9.79
H4D NAD D . -2.99 14.04 9.17
H3D NAD D . -2.34 13.30 11.64
HO3N NAD D . -3.38 15.16 11.04
H2D NAD D . -3.55 11.33 11.51
HO2N NAD D . -4.52 12.02 13.30
H1D NAD D . -5.43 12.88 10.34
H2N NAD D . -7.13 11.82 9.36
H71N NAD D . -8.78 11.95 8.24
H72N NAD D . -10.11 11.37 7.87
H4N NAD D . -7.48 7.84 9.32
H5N NAD D . -5.38 7.66 10.22
H6N NAD D . -4.22 9.27 10.66
C1 OXM E . 17.62 -3.37 0.35
N1 OXM E . 17.48 -2.72 1.49
O1 OXM E . 18.09 -4.52 0.26
C2 OXM E . 17.22 -2.68 -0.90
O2 OXM E . 16.37 -1.76 -0.83
O3 OXM E . 17.71 -3.06 -1.98
HN1 OXM E . 16.95 -1.85 1.53
HN2 OXM E . 17.92 -3.07 2.34
PA NAD F . 11.71 -4.18 10.33
O1A NAD F . 12.58 -4.01 11.56
O2A NAD F . 10.82 -2.98 10.08
O5B NAD F . 10.80 -5.55 10.46
C5B NAD F . 11.51 -6.69 10.82
C4B NAD F . 10.46 -7.72 11.36
O4B NAD F . 11.02 -8.86 11.51
C3B NAD F . 10.00 -7.21 12.78
O3B NAD F . 8.62 -7.01 12.88
C2B NAD F . 10.49 -8.34 13.66
O2B NAD F . 9.68 -8.45 14.93
C1B NAD F . 10.35 -9.39 12.86
N9A NAD F . 10.97 -10.58 13.42
C8A NAD F . 12.13 -10.67 14.11
N7A NAD F . 12.30 -11.92 14.46
C5A NAD F . 11.26 -12.63 14.02
C6A NAD F . 10.96 -13.98 14.12
N6A NAD F . 11.59 -15.15 14.72
N1A NAD F . 9.84 -14.44 13.57
C2A NAD F . 8.99 -13.59 12.92
N3A NAD F . 9.29 -12.28 12.82
C4A NAD F . 10.44 -11.80 13.38
O3 NAD F . 12.74 -4.47 9.08
PN NAD F . 12.33 -4.33 7.51
O1N NAD F . 10.90 -4.78 7.32
O2N NAD F . 12.57 -2.88 7.09
O5D NAD F . 13.38 -5.32 6.72
C5D NAD F . 13.22 -6.72 6.97
C4D NAD F . 14.21 -7.52 6.09
O4D NAD F . 13.99 -7.25 4.81
C3D NAD F . 15.64 -7.05 6.41
O3D NAD F . 16.47 -8.11 6.46
C2D NAD F . 15.95 -6.11 5.20
O2D NAD F . 17.42 -5.96 5.00
C1D NAD F . 15.40 -6.79 4.21
N1N NAD F . 15.16 -6.06 2.98
C2N NAD F . 15.35 -6.74 1.82
C3N NAD F . 15.13 -6.12 0.59
C7N NAD F . 15.36 -6.89 -0.67
O7N NAD F . 15.41 -6.32 -1.74
N7N NAD F . 15.53 -8.29 -0.64
C4N NAD F . 14.71 -4.80 0.55
C5N NAD F . 14.51 -4.14 1.71
C6N NAD F . 14.74 -4.77 2.94
H51A NAD F . 11.96 -7.06 10.04
H52A NAD F . 12.15 -6.47 11.51
H4B NAD F . 9.70 -7.79 10.77
H3B NAD F . 10.47 -6.39 13.00
HO3A NAD F . 8.21 -7.61 12.44
H2B NAD F . 11.42 -8.21 13.87
HO2A NAD F . 9.11 -9.08 14.85
H1B NAD F . 9.40 -9.56 12.70
H8A NAD F . 12.71 -9.96 14.29
H61A NAD F . 12.40 -15.09 15.01
H62A NAD F . 11.15 -15.89 14.77
H2A NAD F . 8.21 -13.92 12.54
H51N NAD F . 12.30 -6.98 6.77
H52N NAD F . 13.41 -6.90 7.91
H4D NAD F . 14.13 -8.48 6.26
H3D NAD F . 15.66 -6.54 7.23
HO3N NAD F . 17.25 -7.86 6.26
H2D NAD F . 15.53 -5.25 5.31
HO2N NAD F . 17.66 -5.19 5.26
H1D NAD F . 15.94 -7.57 4.02
H2N NAD F . 15.63 -7.62 1.84
H71N NAD F . 15.67 -8.72 -1.38
H72N NAD F . 15.50 -8.71 0.10
H4N NAD F . 14.56 -4.39 -0.27
H5N NAD F . 14.22 -3.25 1.69
H6N NAD F . 14.52 -4.07 3.52
#